data_1KZY
#
_entry.id   1KZY
#
_cell.length_a   73.132
_cell.length_b   94.976
_cell.length_c   133.680
_cell.angle_alpha   90.00
_cell.angle_beta   90.00
_cell.angle_gamma   90.00
#
_symmetry.space_group_name_H-M   'P 21 21 21'
#
loop_
_entity.id
_entity.type
_entity.pdbx_description
1 polymer 'CELLULAR TUMOR ANTIGEN P53'
2 polymer 'TUMOR SUPPRESSOR P53-BINDING PROTEIN 1'
3 non-polymer 'ZINC ION'
4 water water
#
loop_
_entity_poly.entity_id
_entity_poly.type
_entity_poly.pdbx_seq_one_letter_code
_entity_poly.pdbx_strand_id
1 'polypeptide(L)'
;SSVPSQKTYQGSYGFRLGFLHSGTAKSVTCTYSPALNKMFCQLAKTCPVQLWVDSTPPPGTRVRAMAIYKQSQHMTEVVR
RCPHHERCSDSDGLAPPQHLIRVEGNLRVEYLDDRNTFRHSVVVPYEPPEVGSDCTTIHYNYMCNSSCMGGMNRRPILTI
ITLEDSSGNLLGRNSFEVRVCACPGRDRRTEEENL
;
A,B
2 'polypeptide(L)'
;ALEEQRGPLPLNKTLFLGYAFLLTMATTSDKLASRSKLPDGPTGSSEEEEEFLEIPPFNKQYTESQLRAGAGYILEDFNE
AQCNTAYQCLLIADQHCRTRKYFLCLASGIPCVSHVWVHDSCHANQLQNYRNYLLPAGYSLEEQRILDWQPRENPFQNLK
VLLVSDQQQNFLELWSEILMTGGAASVKQHHSSAHNKDIALGVFDVVVTDPSCPASVLKCAEALQLPVVSQEWVIQCLIV
GERIGFKQHPKYKHDYVSH
;
C,D
#
# COMPACT_ATOMS: atom_id res chain seq x y z
N SER A 1 -3.62 5.31 36.52
CA SER A 1 -3.57 3.93 35.96
C SER A 1 -4.92 3.19 36.12
N SER A 2 -6.01 3.94 36.24
CA SER A 2 -7.33 3.32 36.38
C SER A 2 -8.02 3.23 35.02
N VAL A 3 -8.50 2.04 34.68
CA VAL A 3 -9.18 1.79 33.42
C VAL A 3 -10.67 1.97 33.68
N PRO A 4 -11.33 2.88 32.95
CA PRO A 4 -12.75 3.08 33.18
C PRO A 4 -13.48 1.76 33.16
N SER A 5 -14.49 1.67 34.02
CA SER A 5 -15.30 0.46 34.13
C SER A 5 -16.11 0.30 32.85
N GLN A 6 -16.33 -0.93 32.42
CA GLN A 6 -17.12 -1.17 31.23
C GLN A 6 -18.24 -2.17 31.53
N LYS A 7 -18.56 -2.38 32.80
CA LYS A 7 -19.59 -3.37 33.08
C LYS A 7 -20.98 -2.84 32.79
N THR A 8 -21.78 -3.68 32.14
CA THR A 8 -23.18 -3.36 31.87
C THR A 8 -23.91 -3.06 33.20
N TYR A 9 -24.60 -1.92 33.25
CA TYR A 9 -25.35 -1.45 34.41
C TYR A 9 -26.63 -0.79 33.86
N GLN A 10 -27.69 -1.58 33.65
CA GLN A 10 -28.97 -1.05 33.16
C GLN A 10 -29.54 -0.03 34.09
N GLY A 11 -29.17 -0.14 35.36
CA GLY A 11 -29.58 0.81 36.34
C GLY A 11 -31.07 0.86 36.66
N SER A 12 -31.41 1.93 37.39
CA SER A 12 -32.76 2.18 37.86
C SER A 12 -33.73 2.54 36.73
N TYR A 13 -33.21 3.16 35.66
CA TYR A 13 -34.00 3.54 34.49
C TYR A 13 -34.06 2.43 33.45
N GLY A 14 -33.38 1.30 33.73
CA GLY A 14 -33.37 0.20 32.77
C GLY A 14 -32.80 0.62 31.42
N PHE A 15 -31.61 1.21 31.49
CA PHE A 15 -30.83 1.71 30.36
C PHE A 15 -30.28 0.63 29.45
N ARG A 16 -30.63 0.68 28.17
CA ARG A 16 -30.13 -0.31 27.19
C ARG A 16 -29.70 0.42 25.91
N LEU A 17 -28.92 -0.21 25.08
CA LEU A 17 -28.49 0.43 23.84
C LEU A 17 -29.17 -0.15 22.63
N GLY A 18 -29.39 0.70 21.65
CA GLY A 18 -30.02 0.29 20.40
C GLY A 18 -29.26 0.80 19.19
N PHE A 19 -29.22 0.00 18.12
CA PHE A 19 -28.51 0.41 16.90
C PHE A 19 -29.42 0.23 15.71
N LEU A 20 -29.04 0.74 14.54
CA LEU A 20 -29.87 0.57 13.33
C LEU A 20 -29.44 -0.60 12.45
N HIS A 21 -30.42 -1.24 11.77
CA HIS A 21 -30.16 -2.37 10.86
C HIS A 21 -29.52 -1.80 9.59
N SER A 22 -28.62 -2.56 8.97
CA SER A 22 -27.98 -2.08 7.75
C SER A 22 -27.40 -3.16 6.81
N GLY A 23 -27.58 -4.43 7.17
CA GLY A 23 -27.08 -5.53 6.35
C GLY A 23 -25.56 -5.61 6.17
N THR A 24 -25.10 -5.91 4.95
CA THR A 24 -23.67 -6.01 4.68
C THR A 24 -23.19 -5.46 3.33
N ALA A 25 -23.83 -4.38 2.86
CA ALA A 25 -23.42 -3.74 1.61
C ALA A 25 -22.05 -3.08 1.83
N LYS A 26 -21.28 -2.87 0.77
CA LYS A 26 -19.95 -2.26 0.92
C LYS A 26 -20.02 -0.73 0.93
N SER A 27 -21.20 -0.21 0.59
CA SER A 27 -21.44 1.23 0.59
C SER A 27 -22.03 1.64 1.95
N VAL A 28 -22.31 0.64 2.79
CA VAL A 28 -22.88 0.88 4.12
C VAL A 28 -21.88 1.64 4.99
N THR A 29 -22.34 2.74 5.59
CA THR A 29 -21.47 3.56 6.40
C THR A 29 -21.36 3.14 7.87
N CYS A 30 -22.36 2.40 8.38
CA CYS A 30 -22.35 1.96 9.78
C CYS A 30 -23.22 0.73 9.94
N THR A 31 -22.65 -0.37 10.44
CA THR A 31 -23.45 -1.57 10.61
C THR A 31 -23.07 -2.19 11.94
N TYR A 32 -24.06 -2.70 12.66
CA TYR A 32 -23.82 -3.30 13.96
C TYR A 32 -24.09 -4.81 14.03
N SER A 33 -23.17 -5.56 14.63
CA SER A 33 -23.34 -6.99 14.74
C SER A 33 -23.76 -7.42 16.14
N PRO A 34 -25.02 -7.87 16.28
CA PRO A 34 -25.56 -8.32 17.57
C PRO A 34 -24.74 -9.51 18.05
N ALA A 35 -24.30 -10.31 17.09
CA ALA A 35 -23.51 -11.50 17.39
C ALA A 35 -22.22 -11.12 18.07
N LEU A 36 -21.60 -10.03 17.60
CA LEU A 36 -20.32 -9.58 18.14
C LEU A 36 -20.42 -8.40 19.12
N ASN A 37 -21.60 -7.78 19.17
CA ASN A 37 -21.84 -6.58 19.96
C ASN A 37 -20.67 -5.69 19.56
N LYS A 38 -20.65 -5.36 18.28
CA LYS A 38 -19.60 -4.56 17.75
C LYS A 38 -20.13 -3.82 16.57
N MET A 39 -19.88 -2.52 16.55
CA MET A 39 -20.30 -1.67 15.48
C MET A 39 -19.13 -1.60 14.50
N PHE A 40 -19.43 -1.64 13.21
CA PHE A 40 -18.42 -1.53 12.16
C PHE A 40 -18.82 -0.28 11.43
N CYS A 41 -17.91 0.68 11.28
CA CYS A 41 -18.24 1.94 10.62
C CYS A 41 -17.05 2.64 9.97
N GLN A 42 -17.32 3.67 9.18
CA GLN A 42 -16.27 4.40 8.49
C GLN A 42 -15.96 5.76 9.10
N LEU A 43 -14.78 6.25 8.75
CA LEU A 43 -14.27 7.53 9.20
C LEU A 43 -15.23 8.66 9.02
N ALA A 44 -15.44 9.41 10.09
CA ALA A 44 -16.29 10.58 10.11
C ALA A 44 -17.74 10.38 9.69
N LYS A 45 -18.14 9.14 9.47
CA LYS A 45 -19.51 8.86 9.07
C LYS A 45 -20.45 8.84 10.26
N THR A 46 -21.71 9.19 10.05
CA THR A 46 -22.70 9.17 11.12
C THR A 46 -22.86 7.76 11.72
N CYS A 47 -22.91 7.69 13.05
CA CYS A 47 -23.07 6.43 13.77
C CYS A 47 -24.23 6.60 14.74
N PRO A 48 -25.42 6.16 14.34
CA PRO A 48 -26.52 6.32 15.29
C PRO A 48 -26.49 5.23 16.35
N VAL A 49 -26.65 5.69 17.59
CA VAL A 49 -26.68 4.81 18.74
C VAL A 49 -27.99 5.20 19.42
N GLN A 50 -28.76 4.20 19.84
CA GLN A 50 -30.05 4.46 20.47
C GLN A 50 -30.06 4.25 21.97
N LEU A 51 -30.65 5.21 22.68
CA LEU A 51 -30.80 5.08 24.12
C LEU A 51 -32.23 4.60 24.44
N TRP A 52 -32.34 3.42 25.04
CA TRP A 52 -33.65 2.88 25.46
C TRP A 52 -33.73 2.83 26.98
N VAL A 53 -34.85 3.25 27.55
CA VAL A 53 -35.04 3.24 28.99
C VAL A 53 -36.47 2.84 29.35
N ASP A 54 -36.65 2.24 30.52
CA ASP A 54 -37.94 1.83 31.00
C ASP A 54 -38.62 2.94 31.78
N SER A 55 -37.83 3.83 32.36
CA SER A 55 -38.39 4.96 33.09
C SER A 55 -37.64 6.16 32.57
N THR A 56 -38.30 7.31 32.56
CA THR A 56 -37.67 8.50 32.06
C THR A 56 -36.80 9.20 33.08
N PRO A 57 -35.53 9.43 32.72
CA PRO A 57 -34.50 10.08 33.51
C PRO A 57 -34.85 11.53 33.59
N PRO A 58 -34.69 12.13 34.78
CA PRO A 58 -35.01 13.55 35.01
C PRO A 58 -34.14 14.49 34.14
N PRO A 59 -34.74 15.54 33.54
CA PRO A 59 -33.89 16.42 32.73
C PRO A 59 -32.73 16.94 33.61
N GLY A 60 -31.53 17.01 33.04
CA GLY A 60 -30.37 17.42 33.83
C GLY A 60 -29.43 16.22 33.80
N THR A 61 -29.96 15.11 33.31
CA THR A 61 -29.21 13.87 33.13
C THR A 61 -28.33 14.04 31.89
N ARG A 62 -27.18 13.40 31.88
CA ARG A 62 -26.30 13.48 30.72
C ARG A 62 -25.95 12.10 30.16
N VAL A 63 -25.44 12.11 28.95
CA VAL A 63 -25.02 10.88 28.28
C VAL A 63 -23.57 11.05 27.85
N ARG A 64 -22.68 10.25 28.45
CA ARG A 64 -21.28 10.35 28.11
C ARG A 64 -20.83 9.19 27.23
N ALA A 65 -19.91 9.47 26.31
CA ALA A 65 -19.35 8.46 25.43
C ALA A 65 -17.84 8.58 25.62
N MET A 66 -17.18 7.42 25.81
CA MET A 66 -15.71 7.37 26.01
C MET A 66 -15.14 6.11 25.39
N ALA A 67 -13.97 6.21 24.79
CA ALA A 67 -13.36 5.04 24.16
C ALA A 67 -12.22 4.50 25.03
N ILE A 68 -12.10 3.18 25.16
CA ILE A 68 -11.00 2.55 25.88
C ILE A 68 -10.60 1.39 25.02
N TYR A 69 -9.34 0.97 25.14
CA TYR A 69 -8.84 -0.17 24.39
C TYR A 69 -9.41 -1.46 24.96
N LYS A 70 -9.69 -2.45 24.11
CA LYS A 70 -10.30 -3.71 24.53
C LYS A 70 -9.31 -4.74 25.08
N GLN A 71 -8.15 -4.82 24.45
CA GLN A 71 -7.13 -5.76 24.88
C GLN A 71 -6.62 -5.37 26.27
N SER A 72 -6.44 -6.38 27.12
CA SER A 72 -5.98 -6.17 28.50
C SER A 72 -4.63 -5.44 28.55
N GLN A 73 -3.72 -5.80 27.65
CA GLN A 73 -2.40 -5.20 27.59
C GLN A 73 -2.37 -3.69 27.28
N HIS A 74 -3.46 -3.13 26.73
CA HIS A 74 -3.56 -1.69 26.38
C HIS A 74 -4.62 -0.88 27.13
N MET A 75 -5.50 -1.54 27.90
CA MET A 75 -6.56 -0.87 28.65
C MET A 75 -6.16 0.40 29.34
N THR A 76 -4.96 0.42 29.92
CA THR A 76 -4.49 1.63 30.62
C THR A 76 -4.11 2.77 29.68
N GLU A 77 -3.92 2.46 28.39
CA GLU A 77 -3.55 3.48 27.42
C GLU A 77 -4.71 4.39 27.01
N VAL A 78 -4.46 5.67 26.90
CA VAL A 78 -5.51 6.59 26.46
C VAL A 78 -5.73 6.49 24.96
N VAL A 79 -6.99 6.38 24.58
CA VAL A 79 -7.38 6.31 23.19
C VAL A 79 -7.43 7.70 22.63
N ARG A 80 -6.68 7.97 21.57
CA ARG A 80 -6.77 9.28 20.99
C ARG A 80 -6.65 9.28 19.48
N ARG A 81 -6.88 10.46 18.91
CA ARG A 81 -6.76 10.67 17.47
C ARG A 81 -5.29 10.68 17.07
N CYS A 82 -4.94 10.03 15.97
CA CYS A 82 -3.55 10.01 15.55
C CYS A 82 -3.15 11.43 15.16
N PRO A 83 -1.85 11.75 15.25
CA PRO A 83 -1.37 13.10 14.89
C PRO A 83 -1.74 13.49 13.47
N HIS A 84 -1.62 12.54 12.57
CA HIS A 84 -1.94 12.82 11.20
C HIS A 84 -3.31 13.47 11.03
N HIS A 85 -4.32 12.93 11.69
CA HIS A 85 -5.64 13.51 11.56
C HIS A 85 -5.86 14.73 12.48
N GLU A 86 -5.01 14.92 13.48
CA GLU A 86 -5.16 16.09 14.32
C GLU A 86 -4.81 17.24 13.39
N ARG A 87 -3.88 16.98 12.48
CA ARG A 87 -3.47 17.99 11.48
C ARG A 87 -4.38 17.89 10.25
N CYS A 88 -5.68 18.16 10.43
CA CYS A 88 -6.67 18.12 9.36
C CYS A 88 -7.83 19.05 9.74
N SER A 89 -8.21 19.93 8.80
CA SER A 89 -9.26 20.94 8.98
C SER A 89 -10.69 20.45 9.25
N ASP A 90 -10.89 19.14 9.37
CA ASP A 90 -12.22 18.62 9.62
C ASP A 90 -12.78 19.10 10.95
N SER A 91 -11.99 19.91 11.67
CA SER A 91 -12.41 20.44 12.95
C SER A 91 -13.63 21.37 12.85
N ASP A 92 -14.76 20.89 13.35
CA ASP A 92 -16.02 21.65 13.34
C ASP A 92 -16.05 22.72 14.41
N GLY A 93 -14.87 23.19 14.81
CA GLY A 93 -14.78 24.22 15.82
C GLY A 93 -15.15 23.75 17.22
N LEU A 94 -16.25 23.02 17.36
CA LEU A 94 -16.72 22.51 18.65
C LEU A 94 -15.81 21.44 19.27
N ALA A 95 -15.41 20.48 18.45
CA ALA A 95 -14.56 19.38 18.91
C ALA A 95 -13.04 19.58 18.91
N PRO A 96 -12.40 19.36 20.07
CA PRO A 96 -10.94 19.48 20.18
C PRO A 96 -10.37 18.47 19.20
N PRO A 97 -9.38 18.89 18.40
CA PRO A 97 -8.78 18.02 17.40
C PRO A 97 -8.21 16.68 17.87
N GLN A 98 -8.05 16.49 19.18
CA GLN A 98 -7.47 15.25 19.68
C GLN A 98 -8.52 14.16 19.96
N HIS A 99 -9.79 14.54 20.04
CA HIS A 99 -10.85 13.59 20.34
C HIS A 99 -11.24 12.64 19.23
N LEU A 100 -11.20 11.35 19.54
CA LEU A 100 -11.60 10.34 18.57
C LEU A 100 -13.11 10.47 18.31
N ILE A 101 -13.92 10.41 19.38
CA ILE A 101 -15.38 10.48 19.29
C ILE A 101 -15.99 11.84 19.37
N ARG A 102 -16.88 12.13 18.41
CA ARG A 102 -17.60 13.40 18.33
C ARG A 102 -19.10 13.19 18.24
N VAL A 103 -19.86 14.24 18.51
CA VAL A 103 -21.31 14.14 18.34
C VAL A 103 -21.78 15.21 17.36
N GLU A 104 -22.53 14.81 16.35
CA GLU A 104 -23.01 15.80 15.40
C GLU A 104 -24.50 15.97 15.67
N GLY A 105 -25.07 17.05 15.16
CA GLY A 105 -26.50 17.24 15.33
C GLY A 105 -26.92 17.83 16.66
N ASN A 106 -26.03 17.82 17.64
CA ASN A 106 -26.36 18.38 18.94
C ASN A 106 -25.44 19.57 19.21
N LEU A 107 -26.05 20.68 19.59
CA LEU A 107 -25.34 21.92 19.82
C LEU A 107 -24.99 22.12 21.29
N ARG A 108 -25.44 21.21 22.13
CA ARG A 108 -25.17 21.29 23.57
C ARG A 108 -24.07 20.32 24.03
N VAL A 109 -23.32 19.78 23.08
CA VAL A 109 -22.23 18.87 23.39
C VAL A 109 -21.08 19.55 24.11
N GLU A 110 -20.49 18.82 25.04
CA GLU A 110 -19.35 19.31 25.80
C GLU A 110 -18.23 18.30 25.62
N TYR A 111 -16.98 18.77 25.62
CA TYR A 111 -15.85 17.88 25.51
C TYR A 111 -15.00 17.91 26.79
N LEU A 112 -14.79 16.74 27.36
CA LEU A 112 -14.04 16.60 28.60
C LEU A 112 -12.66 16.03 28.35
N ASP A 113 -11.65 16.71 28.88
CA ASP A 113 -10.30 16.27 28.69
C ASP A 113 -9.67 15.84 30.00
N ASP A 114 -10.52 15.37 30.93
CA ASP A 114 -10.15 14.90 32.28
C ASP A 114 -8.73 15.14 32.80
N ARG A 115 -8.60 16.11 33.71
CA ARG A 115 -7.30 16.49 34.25
C ARG A 115 -6.58 15.40 35.04
N ASN A 116 -7.33 14.50 35.67
CA ASN A 116 -6.68 13.45 36.44
C ASN A 116 -6.40 12.15 35.66
N THR A 117 -7.37 11.68 34.88
CA THR A 117 -7.20 10.44 34.12
C THR A 117 -6.55 10.65 32.76
N PHE A 118 -6.86 11.78 32.13
CA PHE A 118 -6.31 12.11 30.81
C PHE A 118 -7.08 11.51 29.67
N ARG A 119 -8.25 10.95 29.99
CA ARG A 119 -9.11 10.31 29.01
C ARG A 119 -10.00 11.36 28.39
N HIS A 120 -10.42 11.12 27.15
CA HIS A 120 -11.33 12.02 26.46
C HIS A 120 -12.77 11.50 26.51
N SER A 121 -13.74 12.40 26.47
CA SER A 121 -15.11 11.96 26.49
C SER A 121 -15.97 13.04 25.92
N VAL A 122 -17.11 12.66 25.35
CA VAL A 122 -18.03 13.63 24.78
C VAL A 122 -19.40 13.39 25.47
N VAL A 123 -19.98 14.43 26.03
CA VAL A 123 -21.25 14.21 26.68
C VAL A 123 -22.26 15.20 26.21
N VAL A 124 -23.52 14.80 26.20
CA VAL A 124 -24.63 15.66 25.80
C VAL A 124 -25.77 15.49 26.82
N PRO A 125 -26.73 16.40 26.85
CA PRO A 125 -27.83 16.27 27.81
C PRO A 125 -28.77 15.14 27.44
N TYR A 126 -29.43 14.55 28.43
CA TYR A 126 -30.34 13.49 28.05
C TYR A 126 -31.62 14.18 27.64
N GLU A 127 -32.20 13.69 26.56
CA GLU A 127 -33.43 14.22 26.01
C GLU A 127 -34.36 13.02 25.86
N PRO A 128 -35.65 13.17 26.22
CA PRO A 128 -36.59 12.05 26.09
C PRO A 128 -36.74 11.67 24.64
N PRO A 129 -37.36 10.52 24.38
CA PRO A 129 -37.52 10.12 22.99
C PRO A 129 -38.40 11.10 22.25
N GLU A 130 -38.40 10.97 20.93
CA GLU A 130 -39.20 11.86 20.12
C GLU A 130 -40.59 11.28 20.15
N VAL A 131 -41.60 12.14 20.12
CA VAL A 131 -42.98 11.64 20.10
C VAL A 131 -43.11 10.78 18.83
N GLY A 132 -43.72 9.61 18.99
CA GLY A 132 -43.87 8.71 17.86
C GLY A 132 -42.63 7.82 17.73
N SER A 133 -41.72 7.94 18.71
CA SER A 133 -40.48 7.15 18.75
C SER A 133 -40.25 6.61 20.17
N ASP A 134 -39.62 5.43 20.26
CA ASP A 134 -39.37 4.77 21.54
C ASP A 134 -37.98 4.94 22.08
N CYS A 135 -37.17 5.77 21.43
CA CYS A 135 -35.80 5.95 21.87
C CYS A 135 -35.13 7.20 21.38
N THR A 136 -34.26 7.73 22.24
CA THR A 136 -33.47 8.90 21.95
C THR A 136 -32.33 8.36 21.10
N THR A 137 -31.96 9.11 20.05
CA THR A 137 -30.90 8.68 19.16
C THR A 137 -29.80 9.71 19.16
N ILE A 138 -28.57 9.28 19.42
CA ILE A 138 -27.44 10.21 19.39
C ILE A 138 -26.61 9.82 18.18
N HIS A 139 -26.08 10.81 17.46
CA HIS A 139 -25.25 10.51 16.29
C HIS A 139 -23.77 10.74 16.62
N TYR A 140 -23.01 9.65 16.57
CA TYR A 140 -21.58 9.73 16.87
C TYR A 140 -20.69 9.73 15.62
N ASN A 141 -19.50 10.29 15.74
CA ASN A 141 -18.53 10.30 14.65
C ASN A 141 -17.20 9.80 15.16
N TYR A 142 -16.64 8.80 14.50
CA TYR A 142 -15.34 8.30 14.89
C TYR A 142 -14.34 8.88 13.87
N MET A 143 -13.52 9.84 14.34
CA MET A 143 -12.56 10.55 13.50
C MET A 143 -11.23 9.93 13.08
N CYS A 144 -11.09 8.61 13.22
CA CYS A 144 -9.86 7.91 12.83
C CYS A 144 -10.26 6.49 12.53
N ASN A 145 -9.39 5.77 11.83
CA ASN A 145 -9.63 4.39 11.49
C ASN A 145 -8.96 3.54 12.57
N SER A 146 -9.44 2.33 12.79
CA SER A 146 -8.86 1.45 13.79
C SER A 146 -7.38 1.18 13.46
N SER A 147 -6.99 1.38 12.21
CA SER A 147 -5.61 1.12 11.82
C SER A 147 -4.67 2.33 11.93
N CYS A 148 -5.22 3.52 12.10
CA CYS A 148 -4.36 4.69 12.20
C CYS A 148 -3.07 4.59 13.06
N MET A 149 -1.94 4.53 12.35
CA MET A 149 -0.61 4.50 12.94
C MET A 149 -0.47 5.80 13.73
N GLY A 150 -0.17 5.71 15.02
CA GLY A 150 -0.06 6.90 15.84
C GLY A 150 -1.33 7.07 16.68
N GLY A 151 -2.42 6.43 16.26
CA GLY A 151 -3.68 6.50 16.99
C GLY A 151 -4.09 5.14 17.52
N MET A 152 -5.28 4.70 17.15
CA MET A 152 -5.69 3.40 17.60
C MET A 152 -4.68 2.33 17.19
N ASN A 153 -4.00 2.52 16.06
CA ASN A 153 -2.96 1.63 15.59
C ASN A 153 -3.29 0.13 15.58
N ARG A 154 -4.46 -0.21 15.03
CA ARG A 154 -4.87 -1.60 14.92
C ARG A 154 -5.51 -2.19 16.16
N ARG A 155 -5.37 -1.53 17.32
CA ARG A 155 -5.95 -2.00 18.58
C ARG A 155 -7.49 -1.81 18.65
N PRO A 156 -8.24 -2.88 18.97
CA PRO A 156 -9.69 -2.69 19.03
C PRO A 156 -10.09 -1.86 20.22
N ILE A 157 -11.17 -1.10 20.06
CA ILE A 157 -11.66 -0.26 21.15
C ILE A 157 -13.12 -0.58 21.51
N LEU A 158 -13.49 -0.12 22.69
CA LEU A 158 -14.85 -0.27 23.18
C LEU A 158 -15.31 1.15 23.41
N THR A 159 -16.57 1.44 23.11
CA THR A 159 -17.12 2.76 23.38
C THR A 159 -18.01 2.54 24.60
N ILE A 160 -17.81 3.35 25.62
CA ILE A 160 -18.60 3.19 26.82
C ILE A 160 -19.60 4.29 26.90
N ILE A 161 -20.87 3.93 26.98
CA ILE A 161 -21.92 4.95 27.06
C ILE A 161 -22.45 5.01 28.46
N THR A 162 -22.33 6.21 29.04
CA THR A 162 -22.75 6.43 30.41
C THR A 162 -23.90 7.38 30.61
N LEU A 163 -24.79 6.97 31.48
CA LEU A 163 -25.94 7.78 31.85
C LEU A 163 -25.57 8.32 33.25
N GLU A 164 -25.49 9.65 33.37
CA GLU A 164 -25.11 10.29 34.64
C GLU A 164 -26.09 11.40 35.08
N ASP A 165 -26.21 11.61 36.37
CA ASP A 165 -27.04 12.69 36.86
C ASP A 165 -26.17 13.94 36.65
N SER A 166 -26.70 15.10 36.98
CA SER A 166 -25.96 16.34 36.79
C SER A 166 -24.65 16.40 37.58
N SER A 167 -24.52 15.60 38.62
CA SER A 167 -23.29 15.62 39.39
C SER A 167 -22.27 14.55 38.98
N GLY A 168 -22.51 13.90 37.84
CA GLY A 168 -21.59 12.88 37.36
C GLY A 168 -21.76 11.47 37.90
N ASN A 169 -22.61 11.30 38.90
CA ASN A 169 -22.84 9.99 39.50
C ASN A 169 -23.44 9.05 38.48
N LEU A 170 -22.93 7.84 38.45
CA LEU A 170 -23.39 6.80 37.56
C LEU A 170 -24.87 6.43 37.76
N LEU A 171 -25.61 6.40 36.65
CA LEU A 171 -27.05 6.03 36.64
C LEU A 171 -27.17 4.81 35.77
N GLY A 172 -26.28 4.69 34.80
CA GLY A 172 -26.29 3.57 33.90
C GLY A 172 -25.12 3.53 32.92
N ARG A 173 -24.75 2.33 32.52
CA ARG A 173 -23.67 2.08 31.61
C ARG A 173 -23.93 0.90 30.65
N ASN A 174 -23.40 1.02 29.44
CA ASN A 174 -23.52 -0.05 28.46
C ASN A 174 -22.29 0.20 27.60
N SER A 175 -22.03 -0.70 26.66
CA SER A 175 -20.89 -0.53 25.82
C SER A 175 -20.92 -1.48 24.65
N PHE A 176 -20.15 -1.11 23.62
CA PHE A 176 -20.01 -1.89 22.39
C PHE A 176 -18.63 -1.71 21.75
N GLU A 177 -18.10 -2.80 21.21
CA GLU A 177 -16.81 -2.76 20.55
C GLU A 177 -17.03 -2.01 19.25
N VAL A 178 -15.99 -1.33 18.77
CA VAL A 178 -16.08 -0.56 17.56
C VAL A 178 -14.87 -0.84 16.68
N ARG A 179 -15.09 -0.82 15.38
CA ARG A 179 -14.03 -0.98 14.41
C ARG A 179 -14.33 0.04 13.36
N VAL A 180 -13.44 0.99 13.18
CA VAL A 180 -13.64 1.98 12.15
C VAL A 180 -12.76 1.47 10.98
N CYS A 181 -13.38 1.26 9.83
CA CYS A 181 -12.69 0.72 8.66
C CYS A 181 -13.27 1.16 7.31
N ALA A 182 -12.63 0.71 6.25
CA ALA A 182 -13.03 1.06 4.88
C ALA A 182 -14.34 0.35 4.44
N CYS A 183 -14.42 -0.95 4.72
CA CYS A 183 -15.59 -1.75 4.38
C CYS A 183 -16.30 -2.34 5.63
N PRO A 184 -17.10 -1.52 6.31
CA PRO A 184 -17.79 -1.99 7.50
C PRO A 184 -18.48 -3.33 7.27
N GLY A 185 -19.31 -3.39 6.20
CA GLY A 185 -20.07 -4.59 5.83
C GLY A 185 -19.18 -5.79 5.61
N ARG A 186 -18.16 -5.60 4.77
CA ARG A 186 -17.21 -6.68 4.50
C ARG A 186 -16.56 -7.18 5.81
N ASP A 187 -16.06 -6.26 6.62
CA ASP A 187 -15.42 -6.65 7.89
C ASP A 187 -16.37 -7.27 8.90
N ARG A 188 -17.63 -6.88 8.86
CA ARG A 188 -18.62 -7.46 9.76
C ARG A 188 -18.78 -8.95 9.42
N ARG A 189 -19.06 -9.24 8.15
CA ARG A 189 -19.20 -10.62 7.70
C ARG A 189 -17.95 -11.43 7.99
N THR A 190 -16.78 -10.89 7.63
CA THR A 190 -15.54 -11.62 7.89
C THR A 190 -15.46 -12.04 9.36
N GLU A 191 -15.61 -11.10 10.28
CA GLU A 191 -15.52 -11.39 11.71
C GLU A 191 -16.61 -12.28 12.28
N GLU A 192 -17.81 -12.21 11.71
CA GLU A 192 -18.90 -13.04 12.20
C GLU A 192 -18.60 -14.51 11.83
N GLU A 193 -17.97 -14.74 10.67
CA GLU A 193 -17.63 -16.10 10.26
C GLU A 193 -16.55 -16.63 11.20
N ASN A 194 -15.56 -15.79 11.50
CA ASN A 194 -14.46 -16.20 12.34
C ASN A 194 -14.85 -16.76 13.70
N LEU A 195 -16.17 -16.87 13.96
CA LEU A 195 -16.65 -17.43 15.23
C LEU A 195 -16.81 -18.97 15.21
N SER B 1 -8.47 3.48 0.06
CA SER B 1 -8.31 2.64 -1.17
C SER B 1 -9.67 2.25 -1.80
N SER B 2 -10.67 3.13 -1.63
CA SER B 2 -12.01 2.87 -2.19
C SER B 2 -12.08 3.47 -3.58
N VAL B 3 -12.51 2.65 -4.52
CA VAL B 3 -12.63 3.11 -5.88
C VAL B 3 -14.10 3.47 -6.04
N PRO B 4 -14.37 4.73 -6.42
CA PRO B 4 -15.78 5.12 -6.60
C PRO B 4 -16.49 4.14 -7.53
N SER B 5 -17.74 3.89 -7.19
CA SER B 5 -18.58 2.99 -7.92
C SER B 5 -18.84 3.45 -9.36
N GLN B 6 -18.98 2.50 -10.26
CA GLN B 6 -19.25 2.84 -11.64
C GLN B 6 -20.43 2.03 -12.20
N LYS B 7 -21.24 1.46 -11.34
CA LYS B 7 -22.36 0.68 -11.85
C LYS B 7 -23.49 1.58 -12.30
N THR B 8 -24.01 1.28 -13.47
CA THR B 8 -25.14 2.00 -14.02
C THR B 8 -26.25 1.89 -12.99
N TYR B 9 -26.92 3.01 -12.75
CA TYR B 9 -28.03 3.12 -11.81
C TYR B 9 -29.01 4.21 -12.32
N GLN B 10 -29.98 3.78 -13.15
CA GLN B 10 -30.97 4.69 -13.70
C GLN B 10 -31.82 5.34 -12.63
N GLY B 11 -31.99 4.65 -11.51
CA GLY B 11 -32.72 5.21 -10.39
C GLY B 11 -34.19 5.43 -10.59
N SER B 12 -34.81 6.05 -9.60
CA SER B 12 -36.24 6.35 -9.66
C SER B 12 -36.63 7.33 -10.78
N TYR B 13 -35.70 8.22 -11.18
CA TYR B 13 -35.97 9.20 -12.26
C TYR B 13 -35.65 8.62 -13.64
N GLY B 14 -35.15 7.39 -13.68
CA GLY B 14 -34.84 6.84 -14.99
C GLY B 14 -33.83 7.72 -15.69
N PHE B 15 -32.68 7.86 -15.05
CA PHE B 15 -31.59 8.67 -15.57
C PHE B 15 -30.77 7.92 -16.63
N ARG B 16 -30.68 8.49 -17.83
CA ARG B 16 -29.89 7.90 -18.92
C ARG B 16 -29.01 9.00 -19.49
N LEU B 17 -27.98 8.64 -20.24
CA LEU B 17 -27.13 9.67 -20.81
C LEU B 17 -27.33 9.63 -22.30
N GLY B 18 -27.06 10.77 -22.92
CA GLY B 18 -27.17 10.89 -24.36
C GLY B 18 -25.99 11.67 -24.94
N PHE B 19 -25.65 11.34 -26.18
CA PHE B 19 -24.56 11.99 -26.88
C PHE B 19 -24.98 12.38 -28.28
N LEU B 20 -24.33 13.39 -28.84
CA LEU B 20 -24.57 13.87 -30.21
C LEU B 20 -23.78 12.98 -31.17
N HIS B 21 -24.27 12.86 -32.41
CA HIS B 21 -23.60 12.08 -33.46
C HIS B 21 -22.60 13.01 -34.15
N SER B 22 -21.43 12.50 -34.50
CA SER B 22 -20.46 13.39 -35.13
C SER B 22 -19.51 12.64 -36.05
N GLY B 23 -20.02 11.62 -36.72
CA GLY B 23 -19.21 10.85 -37.65
C GLY B 23 -17.75 10.64 -37.28
N THR B 24 -16.88 10.74 -38.28
CA THR B 24 -15.44 10.54 -38.08
C THR B 24 -14.51 11.47 -38.86
N ALA B 25 -14.94 12.70 -39.14
CA ALA B 25 -14.10 13.65 -39.87
C ALA B 25 -12.88 13.93 -38.99
N LYS B 26 -11.80 14.46 -39.56
CA LYS B 26 -10.61 14.74 -38.75
C LYS B 26 -10.68 16.14 -38.15
N SER B 27 -11.79 16.82 -38.44
CA SER B 27 -12.03 18.18 -37.94
C SER B 27 -12.98 18.14 -36.74
N VAL B 28 -13.60 16.99 -36.53
CA VAL B 28 -14.54 16.79 -35.42
C VAL B 28 -13.78 16.94 -34.11
N THR B 29 -14.38 17.67 -33.18
CA THR B 29 -13.76 17.94 -31.90
C THR B 29 -14.18 16.98 -30.80
N CYS B 30 -15.26 16.24 -31.02
CA CYS B 30 -15.78 15.32 -30.02
C CYS B 30 -16.76 14.36 -30.68
N THR B 31 -16.42 13.09 -30.65
CA THR B 31 -17.28 12.09 -31.27
C THR B 31 -17.54 10.90 -30.34
N TYR B 32 -18.80 10.46 -30.26
CA TYR B 32 -19.16 9.36 -29.42
C TYR B 32 -19.33 8.07 -30.22
N SER B 33 -18.88 6.94 -29.64
CA SER B 33 -19.00 5.62 -30.28
C SER B 33 -19.86 4.74 -29.38
N PRO B 34 -21.10 4.44 -29.81
CA PRO B 34 -22.04 3.60 -29.05
C PRO B 34 -21.54 2.20 -28.83
N ALA B 35 -20.80 1.72 -29.81
CA ALA B 35 -20.26 0.37 -29.76
C ALA B 35 -19.31 0.19 -28.59
N LEU B 36 -18.56 1.24 -28.30
CA LEU B 36 -17.59 1.19 -27.22
C LEU B 36 -18.07 1.95 -25.98
N ASN B 37 -19.17 2.69 -26.12
CA ASN B 37 -19.67 3.54 -25.03
C ASN B 37 -18.43 4.36 -24.65
N LYS B 38 -17.95 5.11 -25.63
CA LYS B 38 -16.74 5.89 -25.46
C LYS B 38 -16.72 7.18 -26.23
N MET B 39 -16.35 8.25 -25.55
CA MET B 39 -16.26 9.55 -26.17
C MET B 39 -14.81 9.86 -26.56
N PHE B 40 -14.59 10.27 -27.80
CA PHE B 40 -13.24 10.63 -28.20
C PHE B 40 -13.33 12.11 -28.41
N CYS B 41 -12.38 12.87 -27.84
CA CYS B 41 -12.38 14.31 -27.99
C CYS B 41 -11.00 14.95 -27.84
N GLN B 42 -10.93 16.25 -28.11
CA GLN B 42 -9.69 17.00 -28.06
C GLN B 42 -9.57 17.83 -26.82
N LEU B 43 -8.34 18.20 -26.53
CA LEU B 43 -8.04 19.01 -25.37
C LEU B 43 -8.91 20.26 -25.32
N ALA B 44 -9.42 20.54 -24.13
CA ALA B 44 -10.23 21.71 -23.86
C ALA B 44 -11.41 21.95 -24.80
N LYS B 45 -11.68 21.03 -25.73
CA LYS B 45 -12.83 21.18 -26.62
C LYS B 45 -14.13 20.87 -25.89
N THR B 46 -15.19 21.52 -26.30
CA THR B 46 -16.49 21.29 -25.69
C THR B 46 -16.93 19.84 -25.92
N CYS B 47 -17.40 19.21 -24.85
CA CYS B 47 -17.91 17.83 -24.90
C CYS B 47 -19.30 17.83 -24.29
N PRO B 48 -20.33 17.71 -25.14
CA PRO B 48 -21.72 17.70 -24.69
C PRO B 48 -22.15 16.33 -24.27
N VAL B 49 -22.68 16.27 -23.05
CA VAL B 49 -23.20 15.05 -22.45
C VAL B 49 -24.65 15.43 -22.22
N GLN B 50 -25.59 14.59 -22.62
CA GLN B 50 -27.00 14.92 -22.40
C GLN B 50 -27.56 14.13 -21.23
N LEU B 51 -28.40 14.78 -20.42
CA LEU B 51 -29.04 14.12 -19.28
C LEU B 51 -30.53 13.86 -19.59
N TRP B 52 -30.93 12.60 -19.65
CA TRP B 52 -32.31 12.24 -19.91
C TRP B 52 -32.96 11.65 -18.67
N VAL B 53 -34.20 12.02 -18.39
CA VAL B 53 -34.91 11.48 -17.24
C VAL B 53 -36.40 11.37 -17.54
N ASP B 54 -37.03 10.33 -16.98
CA ASP B 54 -38.47 10.03 -17.12
C ASP B 54 -39.34 10.82 -16.16
N SER B 55 -38.77 11.24 -15.05
CA SER B 55 -39.50 12.03 -14.07
C SER B 55 -38.55 13.12 -13.71
N THR B 56 -39.07 14.32 -13.52
CA THR B 56 -38.23 15.44 -13.19
C THR B 56 -37.76 15.45 -11.76
N PRO B 57 -36.44 15.45 -11.56
CA PRO B 57 -35.81 15.46 -10.25
C PRO B 57 -36.16 16.78 -9.58
N PRO B 58 -36.30 16.78 -8.25
CA PRO B 58 -36.62 18.05 -7.58
C PRO B 58 -35.47 19.02 -7.70
N PRO B 59 -35.77 20.32 -7.85
CA PRO B 59 -34.61 21.22 -7.95
C PRO B 59 -33.83 21.11 -6.61
N GLY B 60 -32.55 21.43 -6.64
CA GLY B 60 -31.70 21.27 -5.47
C GLY B 60 -30.87 20.01 -5.72
N THR B 61 -31.31 19.27 -6.71
CA THR B 61 -30.65 18.05 -7.14
C THR B 61 -29.35 18.50 -7.78
N ARG B 62 -28.36 17.60 -7.84
CA ARG B 62 -27.07 17.92 -8.42
C ARG B 62 -26.53 16.87 -9.41
N VAL B 63 -25.60 17.33 -10.27
CA VAL B 63 -24.94 16.49 -11.28
C VAL B 63 -23.44 16.56 -11.07
N ARG B 64 -22.84 15.44 -10.62
CA ARG B 64 -21.40 15.38 -10.37
C ARG B 64 -20.66 14.55 -11.42
N ALA B 65 -19.55 15.11 -11.93
CA ALA B 65 -18.71 14.44 -12.91
C ALA B 65 -17.40 14.01 -12.23
N MET B 66 -16.94 12.81 -12.51
CA MET B 66 -15.70 12.36 -11.89
C MET B 66 -14.96 11.38 -12.79
N ALA B 67 -13.64 11.51 -12.85
CA ALA B 67 -12.92 10.56 -13.68
C ALA B 67 -12.16 9.53 -12.84
N ILE B 68 -12.24 8.25 -13.20
CA ILE B 68 -11.48 7.19 -12.53
C ILE B 68 -10.81 6.41 -13.63
N TYR B 69 -9.62 5.88 -13.38
CA TYR B 69 -8.97 5.09 -14.39
C TYR B 69 -9.79 3.83 -14.63
N LYS B 70 -9.87 3.37 -15.88
CA LYS B 70 -10.64 2.18 -16.25
C LYS B 70 -10.05 0.82 -15.97
N GLN B 71 -8.74 0.68 -16.16
CA GLN B 71 -8.03 -0.58 -15.91
C GLN B 71 -7.97 -0.86 -14.40
N SER B 72 -8.18 -2.11 -14.01
CA SER B 72 -8.14 -2.50 -12.60
C SER B 72 -6.84 -2.12 -11.85
N GLN B 73 -5.71 -2.44 -12.45
CA GLN B 73 -4.42 -2.12 -11.86
C GLN B 73 -4.26 -0.65 -11.46
N HIS B 74 -5.03 0.26 -12.06
CA HIS B 74 -4.93 1.70 -11.77
C HIS B 74 -6.13 2.38 -11.11
N MET B 75 -7.21 1.63 -10.90
CA MET B 75 -8.42 2.19 -10.31
C MET B 75 -8.26 2.96 -9.00
N THR B 76 -7.33 2.54 -8.15
CA THR B 76 -7.13 3.23 -6.87
C THR B 76 -6.35 4.54 -7.00
N GLU B 77 -5.74 4.78 -8.16
CA GLU B 77 -4.96 5.99 -8.41
C GLU B 77 -5.86 7.13 -8.85
N VAL B 78 -5.62 8.31 -8.32
CA VAL B 78 -6.44 9.47 -8.62
C VAL B 78 -6.10 10.16 -9.92
N VAL B 79 -7.11 10.39 -10.74
CA VAL B 79 -6.94 11.03 -12.04
C VAL B 79 -6.74 12.53 -11.85
N ARG B 80 -5.63 13.05 -12.36
CA ARG B 80 -5.44 14.49 -12.24
C ARG B 80 -4.71 15.05 -13.42
N ARG B 81 -4.64 16.36 -13.46
CA ARG B 81 -3.95 17.04 -14.53
C ARG B 81 -2.46 16.87 -14.40
N CYS B 82 -1.76 16.71 -15.51
CA CYS B 82 -0.31 16.55 -15.43
C CYS B 82 0.27 17.86 -14.95
N PRO B 83 1.44 17.82 -14.30
CA PRO B 83 2.05 19.08 -13.81
C PRO B 83 2.33 20.03 -14.96
N HIS B 84 2.80 19.49 -16.09
CA HIS B 84 3.07 20.37 -17.20
C HIS B 84 1.88 21.32 -17.50
N HIS B 85 0.68 20.77 -17.61
CA HIS B 85 -0.48 21.61 -17.89
C HIS B 85 -0.99 22.41 -16.68
N GLU B 86 -0.70 21.99 -15.45
CA GLU B 86 -1.14 22.79 -14.31
C GLU B 86 -0.44 24.13 -14.51
N ARG B 87 0.78 24.07 -15.06
CA ARG B 87 1.57 25.26 -15.36
C ARG B 87 1.20 25.84 -16.75
N CYS B 88 -0.05 26.27 -16.89
CA CYS B 88 -0.57 26.89 -18.12
C CYS B 88 -1.74 27.80 -17.74
N SER B 89 -1.73 29.00 -18.31
CA SER B 89 -2.72 30.05 -18.04
C SER B 89 -4.18 29.82 -18.46
N ASP B 90 -4.48 28.69 -19.10
CA ASP B 90 -5.85 28.43 -19.52
C ASP B 90 -6.82 28.40 -18.31
N SER B 91 -6.30 28.72 -17.12
CA SER B 91 -7.09 28.74 -15.88
C SER B 91 -8.15 29.85 -15.88
N ASP B 92 -9.37 29.44 -16.22
CA ASP B 92 -10.51 30.34 -16.26
C ASP B 92 -10.83 30.78 -14.82
N GLY B 93 -9.78 30.84 -14.00
CA GLY B 93 -9.94 31.23 -12.63
C GLY B 93 -10.88 30.30 -11.89
N LEU B 94 -12.12 30.14 -12.37
CA LEU B 94 -13.09 29.27 -11.70
C LEU B 94 -12.50 27.90 -11.36
N ALA B 95 -11.86 27.29 -12.35
CA ALA B 95 -11.31 25.96 -12.21
C ALA B 95 -9.94 25.80 -11.63
N PRO B 96 -9.83 25.07 -10.51
CA PRO B 96 -8.54 24.83 -9.89
C PRO B 96 -7.69 24.24 -11.01
N PRO B 97 -6.44 24.67 -11.12
CA PRO B 97 -5.59 24.15 -12.19
C PRO B 97 -5.38 22.63 -12.19
N GLN B 98 -5.56 21.97 -11.07
CA GLN B 98 -5.35 20.51 -11.01
C GLN B 98 -6.54 19.64 -11.50
N HIS B 99 -7.69 20.24 -11.80
CA HIS B 99 -8.83 19.44 -12.26
C HIS B 99 -8.75 19.09 -13.71
N LEU B 100 -9.02 17.83 -14.01
CA LEU B 100 -8.99 17.36 -15.40
C LEU B 100 -10.26 17.82 -16.09
N ILE B 101 -11.40 17.59 -15.42
CA ILE B 101 -12.70 17.93 -15.96
C ILE B 101 -13.23 19.28 -15.49
N ARG B 102 -13.73 20.05 -16.46
CA ARG B 102 -14.34 21.35 -16.18
C ARG B 102 -15.69 21.41 -16.87
N VAL B 103 -16.49 22.38 -16.46
CA VAL B 103 -17.78 22.60 -17.06
C VAL B 103 -17.76 24.02 -17.52
N GLU B 104 -18.14 24.20 -18.77
CA GLU B 104 -18.19 25.52 -19.36
C GLU B 104 -19.65 25.95 -19.52
N GLY B 105 -19.86 27.26 -19.68
CA GLY B 105 -21.19 27.80 -19.90
C GLY B 105 -22.05 28.06 -18.66
N ASN B 106 -21.93 27.16 -17.69
CA ASN B 106 -22.69 27.30 -16.46
C ASN B 106 -21.88 28.24 -15.59
N LEU B 107 -22.49 28.78 -14.54
CA LEU B 107 -21.73 29.67 -13.71
C LEU B 107 -21.81 29.19 -12.27
N ARG B 108 -22.67 28.20 -12.01
CA ARG B 108 -22.85 27.68 -10.66
C ARG B 108 -21.98 26.46 -10.36
N VAL B 109 -21.03 26.19 -11.25
CA VAL B 109 -20.14 25.03 -11.13
C VAL B 109 -19.16 25.03 -9.94
N GLU B 110 -19.24 24.01 -9.10
CA GLU B 110 -18.38 23.86 -7.93
C GLU B 110 -17.31 22.78 -8.20
N TYR B 111 -16.15 22.91 -7.55
CA TYR B 111 -15.05 21.96 -7.73
C TYR B 111 -14.63 21.29 -6.42
N LEU B 112 -15.03 20.03 -6.27
CA LEU B 112 -14.76 19.27 -5.07
C LEU B 112 -13.40 18.63 -5.12
N ASP B 113 -12.69 18.73 -3.99
CA ASP B 113 -11.35 18.16 -3.87
C ASP B 113 -11.31 17.10 -2.74
N ASP B 114 -12.47 16.57 -2.40
CA ASP B 114 -12.60 15.51 -1.39
C ASP B 114 -11.41 15.34 -0.45
N ARG B 115 -11.62 15.66 0.83
CA ARG B 115 -10.55 15.58 1.84
C ARG B 115 -10.17 14.16 2.25
N ASN B 116 -11.11 13.22 2.15
CA ASN B 116 -10.84 11.82 2.49
C ASN B 116 -10.37 10.95 1.29
N THR B 117 -11.11 10.94 0.17
CA THR B 117 -10.70 10.11 -1.00
C THR B 117 -9.60 10.75 -1.83
N PHE B 118 -9.58 12.07 -1.89
CA PHE B 118 -8.58 12.81 -2.64
C PHE B 118 -8.95 12.95 -4.11
N ARG B 119 -10.10 12.40 -4.48
CA ARG B 119 -10.54 12.47 -5.86
C ARG B 119 -11.05 13.87 -6.17
N HIS B 120 -11.16 14.17 -7.46
CA HIS B 120 -11.68 15.44 -7.91
C HIS B 120 -13.07 15.15 -8.48
N SER B 121 -13.92 16.16 -8.49
CA SER B 121 -15.23 16.02 -9.10
C SER B 121 -15.66 17.42 -9.41
N VAL B 122 -16.60 17.56 -10.34
CA VAL B 122 -17.12 18.87 -10.69
C VAL B 122 -18.63 18.67 -10.67
N VAL B 123 -19.32 19.50 -9.90
CA VAL B 123 -20.76 19.35 -9.83
C VAL B 123 -21.45 20.67 -9.99
N VAL B 124 -22.51 20.64 -10.80
CA VAL B 124 -23.37 21.78 -11.11
C VAL B 124 -24.80 21.37 -10.71
N PRO B 125 -25.71 22.34 -10.48
CA PRO B 125 -27.11 22.03 -10.10
C PRO B 125 -27.88 21.41 -11.27
N TYR B 126 -28.79 20.50 -10.98
CA TYR B 126 -29.58 19.94 -12.05
C TYR B 126 -30.62 20.96 -12.52
N GLU B 127 -30.79 21.04 -13.83
CA GLU B 127 -31.75 21.97 -14.40
C GLU B 127 -32.61 21.16 -15.39
N PRO B 128 -33.94 21.38 -15.37
CA PRO B 128 -34.86 20.66 -16.27
C PRO B 128 -34.48 20.94 -17.71
N PRO B 129 -34.93 20.10 -18.65
CA PRO B 129 -34.58 20.36 -20.04
C PRO B 129 -35.08 21.72 -20.47
N GLU B 130 -34.67 22.10 -21.67
CA GLU B 130 -35.08 23.37 -22.19
C GLU B 130 -36.39 23.10 -22.92
N VAL B 131 -37.30 24.06 -22.86
CA VAL B 131 -38.55 23.94 -23.57
C VAL B 131 -38.18 23.72 -25.02
N GLY B 132 -38.85 22.76 -25.66
CA GLY B 132 -38.54 22.44 -27.05
C GLY B 132 -37.45 21.37 -27.11
N SER B 133 -36.96 20.98 -25.94
CA SER B 133 -35.89 19.98 -25.82
C SER B 133 -36.27 18.91 -24.80
N ASP B 134 -35.77 17.71 -25.07
CA ASP B 134 -36.04 16.56 -24.21
C ASP B 134 -34.95 16.24 -23.18
N CYS B 135 -33.87 17.01 -23.18
CA CYS B 135 -32.82 16.73 -22.25
C CYS B 135 -32.00 17.95 -21.89
N THR B 136 -31.30 17.85 -20.77
CA THR B 136 -30.44 18.89 -20.28
C THR B 136 -29.06 18.53 -20.79
N THR B 137 -28.38 19.50 -21.40
CA THR B 137 -27.05 19.28 -21.95
C THR B 137 -25.99 19.98 -21.11
N ILE B 138 -25.00 19.23 -20.67
CA ILE B 138 -23.91 19.80 -19.90
C ILE B 138 -22.66 19.74 -20.75
N HIS B 139 -21.92 20.84 -20.74
CA HIS B 139 -20.73 20.95 -21.54
C HIS B 139 -19.47 20.77 -20.73
N TYR B 140 -18.83 19.64 -20.95
CA TYR B 140 -17.62 19.33 -20.23
C TYR B 140 -16.35 19.64 -21.01
N ASN B 141 -15.28 19.94 -20.30
CA ASN B 141 -13.99 20.21 -20.89
C ASN B 141 -13.00 19.31 -20.19
N TYR B 142 -12.19 18.60 -20.97
CA TYR B 142 -11.13 17.71 -20.48
C TYR B 142 -9.81 18.44 -20.78
N MET B 143 -9.15 18.89 -19.73
CA MET B 143 -7.90 19.66 -19.82
C MET B 143 -6.55 18.96 -20.02
N CYS B 144 -6.54 17.68 -20.39
CA CYS B 144 -5.27 16.98 -20.66
C CYS B 144 -5.56 15.89 -21.64
N ASN B 145 -4.54 15.44 -22.35
CA ASN B 145 -4.70 14.34 -23.28
C ASN B 145 -4.50 13.02 -22.55
N SER B 146 -5.15 11.98 -23.05
CA SER B 146 -5.00 10.67 -22.45
C SER B 146 -3.52 10.34 -22.41
N SER B 147 -2.73 10.89 -23.34
CA SER B 147 -1.30 10.60 -23.29
C SER B 147 -0.39 11.46 -22.39
N CYS B 148 -0.87 12.57 -21.84
CA CYS B 148 -0.01 13.42 -20.98
C CYS B 148 0.85 12.69 -19.94
N MET B 149 2.15 12.86 -20.09
CA MET B 149 3.13 12.24 -19.20
C MET B 149 2.99 12.97 -17.86
N GLY B 150 2.88 12.22 -16.78
CA GLY B 150 2.70 12.83 -15.48
C GLY B 150 1.22 13.10 -15.24
N GLY B 151 0.36 12.50 -16.06
CA GLY B 151 -1.07 12.70 -15.90
C GLY B 151 -1.80 11.41 -16.21
N MET B 152 -2.70 11.44 -17.18
CA MET B 152 -3.36 10.20 -17.47
C MET B 152 -2.29 9.21 -18.00
N ASN B 153 -1.24 9.75 -18.62
CA ASN B 153 -0.12 8.96 -19.10
C ASN B 153 -0.55 7.72 -19.89
N ARG B 154 -1.34 7.90 -20.93
CA ARG B 154 -1.81 6.80 -21.78
C ARG B 154 -2.87 5.88 -21.14
N ARG B 155 -3.14 6.05 -19.84
CA ARG B 155 -4.13 5.22 -19.15
C ARG B 155 -5.54 5.61 -19.50
N PRO B 156 -6.33 4.70 -20.06
CA PRO B 156 -7.71 5.09 -20.38
C PRO B 156 -8.58 5.37 -19.13
N ILE B 157 -9.52 6.31 -19.23
CA ILE B 157 -10.39 6.63 -18.08
C ILE B 157 -11.87 6.51 -18.38
N LEU B 158 -12.66 6.68 -17.32
CA LEU B 158 -14.11 6.65 -17.42
C LEU B 158 -14.57 7.91 -16.72
N THR B 159 -15.61 8.53 -17.24
CA THR B 159 -16.17 9.67 -16.56
C THR B 159 -17.44 9.11 -15.89
N ILE B 160 -17.60 9.30 -14.58
CA ILE B 160 -18.80 8.81 -13.88
C ILE B 160 -19.72 9.98 -13.60
N ILE B 161 -20.92 9.94 -14.15
CA ILE B 161 -21.85 11.04 -13.98
C ILE B 161 -22.87 10.66 -12.95
N THR B 162 -22.93 11.43 -11.90
CA THR B 162 -23.85 11.13 -10.82
C THR B 162 -24.97 12.12 -10.54
N LEU B 163 -26.17 11.58 -10.36
CA LEU B 163 -27.32 12.40 -10.01
C LEU B 163 -27.41 12.32 -8.48
N GLU B 164 -27.37 13.45 -7.79
CA GLU B 164 -27.47 13.43 -6.33
C GLU B 164 -28.55 14.38 -5.82
N ASP B 165 -29.03 14.10 -4.60
CA ASP B 165 -30.01 14.98 -3.97
C ASP B 165 -29.10 16.01 -3.32
N SER B 166 -29.69 17.04 -2.69
CA SER B 166 -28.90 18.10 -2.06
C SER B 166 -28.10 17.59 -0.89
N SER B 167 -28.41 16.41 -0.38
CA SER B 167 -27.68 15.88 0.76
C SER B 167 -26.56 14.94 0.38
N GLY B 168 -26.30 14.78 -0.92
CA GLY B 168 -25.22 13.90 -1.36
C GLY B 168 -25.66 12.47 -1.61
N ASN B 169 -26.89 12.16 -1.23
CA ASN B 169 -27.43 10.82 -1.43
C ASN B 169 -27.56 10.54 -2.93
N LEU B 170 -27.22 9.32 -3.33
CA LEU B 170 -27.28 8.89 -4.73
C LEU B 170 -28.73 8.78 -5.22
N LEU B 171 -28.95 9.21 -6.47
CA LEU B 171 -30.26 9.17 -7.11
C LEU B 171 -30.09 8.51 -8.48
N GLY B 172 -28.91 8.70 -9.07
CA GLY B 172 -28.64 8.10 -10.36
C GLY B 172 -27.19 8.04 -10.77
N ARG B 173 -26.85 7.06 -11.60
CA ARG B 173 -25.47 6.97 -12.06
C ARG B 173 -25.32 6.36 -13.42
N ASN B 174 -24.44 6.92 -14.23
CA ASN B 174 -24.12 6.38 -15.56
C ASN B 174 -22.66 6.73 -15.88
N SER B 175 -22.13 6.15 -16.95
CA SER B 175 -20.73 6.43 -17.30
C SER B 175 -20.34 6.08 -18.71
N PHE B 176 -19.26 6.71 -19.16
CA PHE B 176 -18.68 6.48 -20.49
C PHE B 176 -17.16 6.59 -20.42
N GLU B 177 -16.51 5.88 -21.32
CA GLU B 177 -15.08 5.88 -21.42
C GLU B 177 -14.72 7.15 -22.16
N VAL B 178 -13.48 7.57 -22.02
CA VAL B 178 -13.05 8.80 -22.68
C VAL B 178 -11.61 8.73 -23.11
N ARG B 179 -11.34 9.22 -24.32
CA ARG B 179 -9.97 9.32 -24.80
C ARG B 179 -9.85 10.74 -25.28
N VAL B 180 -8.96 11.50 -24.65
CA VAL B 180 -8.74 12.84 -25.08
C VAL B 180 -7.55 12.63 -26.00
N CYS B 181 -7.68 13.05 -27.26
CA CYS B 181 -6.62 12.85 -28.26
C CYS B 181 -6.66 13.90 -29.36
N ALA B 182 -5.61 13.89 -30.19
CA ALA B 182 -5.45 14.84 -31.29
C ALA B 182 -6.48 14.63 -32.40
N CYS B 183 -6.66 13.36 -32.80
CA CYS B 183 -7.58 12.95 -33.84
C CYS B 183 -8.67 12.02 -33.34
N PRO B 184 -9.72 12.60 -32.76
CA PRO B 184 -10.87 11.88 -32.22
C PRO B 184 -11.45 10.82 -33.15
N GLY B 185 -11.86 11.31 -34.34
CA GLY B 185 -12.47 10.45 -35.34
C GLY B 185 -11.52 9.41 -35.87
N ARG B 186 -10.26 9.76 -36.04
CA ARG B 186 -9.34 8.76 -36.50
C ARG B 186 -9.28 7.63 -35.45
N ASP B 187 -9.02 8.01 -34.20
CA ASP B 187 -8.93 7.01 -33.13
C ASP B 187 -10.22 6.21 -32.98
N ARG B 188 -11.36 6.89 -33.04
CA ARG B 188 -12.62 6.17 -32.90
C ARG B 188 -12.67 5.01 -33.91
N ARG B 189 -12.43 5.33 -35.17
CA ARG B 189 -12.44 4.31 -36.21
C ARG B 189 -11.43 3.22 -35.91
N THR B 190 -10.22 3.61 -35.51
CA THR B 190 -9.20 2.62 -35.23
C THR B 190 -9.63 1.63 -34.15
N GLU B 191 -10.21 2.14 -33.06
CA GLU B 191 -10.66 1.31 -31.95
C GLU B 191 -11.93 0.49 -32.20
N GLU B 192 -12.79 0.95 -33.11
CA GLU B 192 -13.99 0.21 -33.42
C GLU B 192 -13.64 -0.97 -34.31
N GLU B 193 -12.60 -0.83 -35.13
CA GLU B 193 -12.17 -1.93 -36.01
C GLU B 193 -11.45 -3.01 -35.23
N ASN B 194 -10.78 -2.62 -34.15
CA ASN B 194 -10.04 -3.56 -33.32
C ASN B 194 -10.95 -4.54 -32.59
N LEU B 195 -12.26 -4.42 -32.80
CA LEU B 195 -13.21 -5.32 -32.16
C LEU B 195 -13.27 -6.64 -32.93
N ALA C 1 2.45 16.24 -1.74
CA ALA C 1 1.68 15.47 -0.73
C ALA C 1 2.58 14.49 0.02
N LEU C 2 3.86 14.46 -0.34
CA LEU C 2 4.81 13.53 0.28
C LEU C 2 5.59 14.10 1.47
N GLU C 3 5.89 15.40 1.45
CA GLU C 3 6.61 16.02 2.57
C GLU C 3 5.63 16.04 3.75
N GLU C 4 4.36 16.25 3.42
CA GLU C 4 3.29 16.31 4.38
C GLU C 4 3.46 15.25 5.46
N GLN C 5 3.53 13.98 5.05
CA GLN C 5 3.68 12.88 5.99
C GLN C 5 5.04 12.99 6.66
N ARG C 6 6.08 12.95 5.83
CA ARG C 6 7.49 13.02 6.23
C ARG C 6 7.78 13.84 7.47
N GLY C 7 7.31 15.08 7.43
CA GLY C 7 7.55 15.99 8.52
C GLY C 7 8.85 16.70 8.24
N PRO C 8 9.19 17.73 9.04
CA PRO C 8 10.43 18.49 8.86
C PRO C 8 11.60 17.90 9.67
N LEU C 9 12.74 18.57 9.58
CA LEU C 9 13.87 18.16 10.36
C LEU C 9 13.46 18.74 11.72
N PRO C 10 13.81 18.09 12.83
CA PRO C 10 13.46 18.56 14.17
C PRO C 10 14.08 19.91 14.46
N LEU C 11 13.30 20.90 14.84
CA LEU C 11 13.91 22.18 15.11
C LEU C 11 14.75 22.10 16.41
N ASN C 12 14.23 21.38 17.40
CA ASN C 12 14.92 21.15 18.67
C ASN C 12 16.07 20.19 18.36
N LYS C 13 17.30 20.69 18.33
CA LYS C 13 18.45 19.88 17.97
C LYS C 13 18.71 18.68 18.87
N THR C 14 18.15 18.67 20.07
CA THR C 14 18.36 17.51 20.97
C THR C 14 17.06 16.74 21.22
N LEU C 15 16.22 16.65 20.23
CA LEU C 15 14.95 15.95 20.36
C LEU C 15 15.10 14.47 20.67
N PHE C 16 16.02 13.80 19.99
CA PHE C 16 16.18 12.36 20.21
C PHE C 16 17.35 11.98 21.08
N LEU C 17 17.96 12.98 21.74
CA LEU C 17 19.12 12.75 22.60
C LEU C 17 18.86 11.70 23.70
N GLY C 18 19.76 10.73 23.79
CA GLY C 18 19.59 9.67 24.77
C GLY C 18 18.92 8.46 24.15
N TYR C 19 18.74 8.48 22.83
CA TYR C 19 18.14 7.36 22.11
C TYR C 19 19.08 6.86 21.04
N ALA C 20 19.00 5.55 20.78
CA ALA C 20 19.80 4.93 19.73
C ALA C 20 18.79 4.28 18.83
N PHE C 21 19.05 4.29 17.54
CA PHE C 21 18.10 3.67 16.64
C PHE C 21 18.72 2.68 15.68
N LEU C 22 17.95 1.65 15.37
CA LEU C 22 18.37 0.63 14.45
C LEU C 22 17.33 0.65 13.33
N LEU C 23 17.74 0.83 12.08
CA LEU C 23 16.75 0.85 11.01
C LEU C 23 16.84 -0.33 10.07
N THR C 24 15.69 -0.82 9.61
CA THR C 24 15.57 -1.90 8.62
C THR C 24 14.23 -1.72 7.91
N MET C 25 14.00 -2.57 6.91
CA MET C 25 12.79 -2.59 6.10
C MET C 25 12.58 -4.01 5.52
N ALA C 26 11.34 -4.36 5.15
CA ALA C 26 11.03 -5.70 4.61
C ALA C 26 11.41 -5.93 3.12
N THR C 27 10.88 -7.01 2.51
CA THR C 27 11.13 -7.32 1.08
C THR C 27 10.11 -8.29 0.42
N ILE C 55 -0.39 4.13 4.12
CA ILE C 55 0.92 3.51 4.44
C ILE C 55 2.07 4.31 3.76
N PRO C 56 2.46 5.47 4.36
CA PRO C 56 3.51 6.39 3.91
C PRO C 56 4.83 5.71 3.52
N PRO C 57 5.24 5.80 2.25
CA PRO C 57 6.48 5.17 1.80
C PRO C 57 7.60 5.39 2.82
N PHE C 58 8.37 4.35 3.09
CA PHE C 58 9.44 4.49 4.05
C PHE C 58 10.74 4.89 3.40
N ASN C 59 11.18 6.10 3.71
CA ASN C 59 12.41 6.68 3.20
C ASN C 59 13.43 6.56 4.29
N LYS C 60 14.19 5.47 4.31
CA LYS C 60 15.19 5.23 5.34
C LYS C 60 16.25 6.33 5.43
N GLN C 61 16.48 7.00 4.31
CA GLN C 61 17.48 8.06 4.29
C GLN C 61 17.01 9.34 4.94
N TYR C 62 15.83 9.81 4.58
CA TYR C 62 15.35 11.05 5.16
C TYR C 62 15.08 10.86 6.64
N THR C 63 14.55 9.70 7.00
CA THR C 63 14.23 9.37 8.39
C THR C 63 15.48 9.41 9.26
N GLU C 64 16.57 8.86 8.72
CA GLU C 64 17.82 8.84 9.43
C GLU C 64 18.38 10.25 9.60
N SER C 65 18.12 11.13 8.64
CA SER C 65 18.65 12.49 8.77
C SER C 65 17.83 13.27 9.79
N GLN C 66 16.60 12.84 9.97
CA GLN C 66 15.72 13.47 10.95
C GLN C 66 16.20 13.13 12.36
N LEU C 67 16.64 11.90 12.53
CA LEU C 67 17.09 11.41 13.79
C LEU C 67 18.45 12.03 14.15
N ARG C 68 19.36 12.11 13.19
CA ARG C 68 20.67 12.69 13.47
C ARG C 68 20.52 14.17 13.72
N ALA C 69 19.57 14.81 13.06
CA ALA C 69 19.38 16.25 13.21
C ALA C 69 18.85 16.56 14.59
N GLY C 70 18.37 15.52 15.27
CA GLY C 70 17.87 15.71 16.62
C GLY C 70 18.81 15.01 17.61
N ALA C 71 20.06 14.82 17.20
CA ALA C 71 21.05 14.16 18.04
C ALA C 71 20.74 12.69 18.36
N GLY C 72 19.77 12.10 17.68
CA GLY C 72 19.51 10.69 17.95
C GLY C 72 20.77 9.96 17.49
N TYR C 73 21.15 8.90 18.18
CA TYR C 73 22.32 8.17 17.83
C TYR C 73 21.93 7.03 16.89
N ILE C 74 22.70 6.84 15.81
CA ILE C 74 22.37 5.80 14.84
C ILE C 74 23.31 4.63 15.02
N LEU C 75 22.74 3.48 15.38
CA LEU C 75 23.48 2.24 15.57
C LEU C 75 23.62 1.58 14.20
N GLU C 76 24.80 1.10 13.85
CA GLU C 76 24.93 0.48 12.55
C GLU C 76 24.55 -1.01 12.62
N ASP C 77 24.66 -1.63 13.79
CA ASP C 77 24.23 -3.01 13.93
C ASP C 77 23.81 -3.20 15.37
N PHE C 78 23.06 -4.25 15.65
CA PHE C 78 22.60 -4.54 17.01
C PHE C 78 23.80 -4.61 17.95
N ASN C 79 23.65 -3.94 19.09
CA ASN C 79 24.68 -3.93 20.11
C ASN C 79 23.95 -3.73 21.43
N GLU C 80 23.82 -4.80 22.23
CA GLU C 80 23.10 -4.63 23.47
C GLU C 80 23.87 -4.03 24.63
N ALA C 81 25.07 -3.52 24.35
CA ALA C 81 25.88 -2.87 25.38
C ALA C 81 25.23 -1.53 25.60
N GLN C 82 25.27 -0.71 24.54
CA GLN C 82 24.70 0.63 24.56
C GLN C 82 23.19 0.60 24.73
N CYS C 83 22.58 -0.47 24.24
CA CYS C 83 21.13 -0.64 24.34
C CYS C 83 20.69 -0.97 25.79
N ASN C 84 21.66 -1.36 26.60
CA ASN C 84 21.40 -1.71 27.98
C ASN C 84 21.77 -0.60 28.95
N THR C 85 22.84 0.10 28.64
CA THR C 85 23.27 1.14 29.54
C THR C 85 23.15 2.56 29.04
N ALA C 86 23.77 2.85 27.91
CA ALA C 86 23.81 4.21 27.39
C ALA C 86 22.57 4.89 26.81
N TYR C 87 21.79 4.14 26.04
CA TYR C 87 20.65 4.73 25.37
C TYR C 87 19.42 3.93 25.44
N GLN C 88 18.30 4.60 25.17
CA GLN C 88 16.99 3.97 25.08
C GLN C 88 16.94 3.61 23.59
N CYS C 89 17.15 2.35 23.26
CA CYS C 89 17.15 1.96 21.87
C CYS C 89 15.78 1.63 21.32
N LEU C 90 15.59 1.99 20.03
CA LEU C 90 14.34 1.71 19.29
C LEU C 90 14.67 1.18 17.91
N LEU C 91 13.90 0.20 17.46
CA LEU C 91 14.12 -0.26 16.10
C LEU C 91 13.06 0.52 15.35
N ILE C 92 13.43 1.13 14.22
CA ILE C 92 12.54 1.92 13.38
C ILE C 92 12.34 1.18 12.03
N ALA C 93 11.10 0.98 11.58
CA ALA C 93 10.86 0.28 10.31
C ALA C 93 9.48 0.66 9.77
N ASP C 94 9.15 0.20 8.56
CA ASP C 94 7.87 0.55 7.97
C ASP C 94 6.76 -0.43 8.35
N GLN C 95 7.15 -1.65 8.72
CA GLN C 95 6.20 -2.68 9.15
C GLN C 95 7.02 -3.83 9.78
N HIS C 96 6.37 -4.94 10.10
CA HIS C 96 7.11 -6.06 10.67
C HIS C 96 7.98 -6.68 9.58
N CYS C 97 9.16 -7.15 9.96
CA CYS C 97 10.05 -7.75 8.97
C CYS C 97 10.57 -9.06 9.52
N ARG C 98 11.20 -9.84 8.65
CA ARG C 98 11.85 -11.08 9.04
C ARG C 98 13.38 -10.87 8.89
N THR C 99 13.91 -9.75 9.36
CA THR C 99 15.35 -9.58 9.24
C THR C 99 16.10 -9.92 10.53
N ARG C 100 17.41 -10.06 10.39
CA ARG C 100 18.27 -10.40 11.50
C ARG C 100 18.02 -9.37 12.59
N LYS C 101 17.98 -8.10 12.20
CA LYS C 101 17.79 -7.05 13.14
C LYS C 101 16.41 -6.99 13.78
N TYR C 102 15.35 -7.37 13.04
CA TYR C 102 14.01 -7.37 13.60
C TYR C 102 14.00 -8.42 14.71
N PHE C 103 14.54 -9.60 14.40
CA PHE C 103 14.63 -10.74 15.34
C PHE C 103 15.44 -10.48 16.60
N LEU C 104 16.59 -9.83 16.42
CA LEU C 104 17.43 -9.48 17.55
C LEU C 104 16.64 -8.59 18.48
N CYS C 105 15.90 -7.63 17.92
CA CYS C 105 15.11 -6.73 18.77
C CYS C 105 13.90 -7.39 19.45
N LEU C 106 13.13 -8.19 18.71
CA LEU C 106 12.01 -8.91 19.33
C LEU C 106 12.60 -9.79 20.45
N ALA C 107 13.68 -10.53 20.19
CA ALA C 107 14.33 -11.38 21.22
C ALA C 107 14.89 -10.59 22.40
N SER C 108 15.39 -9.38 22.14
CA SER C 108 15.98 -8.58 23.19
C SER C 108 15.06 -7.57 23.86
N GLY C 109 13.79 -7.55 23.45
CA GLY C 109 12.88 -6.58 24.06
C GLY C 109 13.13 -5.13 23.63
N ILE C 110 13.84 -4.91 22.53
CA ILE C 110 14.03 -3.53 22.04
C ILE C 110 12.77 -3.39 21.21
N PRO C 111 11.99 -2.35 21.47
CA PRO C 111 10.74 -2.16 20.73
C PRO C 111 10.86 -1.86 19.27
N CYS C 112 9.92 -2.42 18.51
CA CYS C 112 9.84 -2.22 17.08
C CYS C 112 8.81 -1.12 16.79
N VAL C 113 9.31 0.04 16.38
CA VAL C 113 8.52 1.24 16.10
C VAL C 113 8.48 1.70 14.64
N SER C 114 7.31 2.16 14.24
CA SER C 114 7.08 2.68 12.90
C SER C 114 7.86 3.97 12.69
N HIS C 115 8.42 4.16 11.51
CA HIS C 115 9.16 5.38 11.20
C HIS C 115 8.18 6.57 11.29
N VAL C 116 6.88 6.31 11.20
CA VAL C 116 5.91 7.39 11.32
C VAL C 116 6.05 8.04 12.71
N TRP C 117 6.65 7.32 13.64
CA TRP C 117 6.86 7.88 14.97
C TRP C 117 7.90 9.00 14.85
N VAL C 118 8.94 8.76 14.04
CA VAL C 118 9.98 9.78 13.87
C VAL C 118 9.36 10.98 13.23
N HIS C 119 8.58 10.75 12.18
CA HIS C 119 7.93 11.86 11.51
C HIS C 119 6.96 12.64 12.41
N ASP C 120 6.06 11.99 13.12
CA ASP C 120 5.14 12.74 13.97
C ASP C 120 5.89 13.48 15.07
N SER C 121 7.03 12.93 15.47
CA SER C 121 7.81 13.61 16.49
C SER C 121 8.48 14.87 15.94
N CYS C 122 8.99 14.81 14.71
CA CYS C 122 9.60 16.00 14.14
C CYS C 122 8.49 17.04 13.90
N HIS C 123 7.39 16.58 13.34
CA HIS C 123 6.25 17.48 13.10
C HIS C 123 5.85 18.29 14.35
N ALA C 124 5.85 17.65 15.52
CA ALA C 124 5.43 18.32 16.76
C ALA C 124 6.59 18.88 17.55
N ASN C 125 7.80 18.62 17.06
CA ASN C 125 9.02 19.05 17.74
C ASN C 125 8.94 18.57 19.16
N GLN C 126 8.27 17.45 19.31
CA GLN C 126 8.05 16.85 20.60
C GLN C 126 7.92 15.32 20.50
N LEU C 127 8.67 14.61 21.33
CA LEU C 127 8.62 13.16 21.30
C LEU C 127 7.24 12.58 21.56
N GLN C 128 6.83 11.69 20.67
CA GLN C 128 5.54 11.05 20.80
C GLN C 128 5.67 9.78 21.64
N ASN C 129 4.52 9.22 21.99
CA ASN C 129 4.48 8.00 22.77
C ASN C 129 4.66 6.86 21.77
N TYR C 130 5.85 6.27 21.76
CA TYR C 130 6.11 5.19 20.83
C TYR C 130 5.20 3.99 21.05
N ARG C 131 4.50 3.96 22.18
CA ARG C 131 3.60 2.86 22.45
C ARG C 131 2.40 2.95 21.51
N ASN C 132 2.19 4.12 20.89
CA ASN C 132 1.11 4.25 19.93
C ASN C 132 1.62 4.02 18.49
N TYR C 133 2.88 3.61 18.34
CA TYR C 133 3.42 3.32 17.01
C TYR C 133 4.05 1.95 16.91
N LEU C 134 3.73 1.02 17.82
CA LEU C 134 4.37 -0.31 17.71
C LEU C 134 4.02 -1.07 16.45
N LEU C 135 5.02 -1.71 15.87
CA LEU C 135 4.82 -2.49 14.67
C LEU C 135 4.39 -3.88 15.11
N PRO C 136 3.71 -4.64 14.23
CA PRO C 136 3.33 -5.98 14.69
C PRO C 136 4.57 -6.89 14.80
N ALA C 137 4.50 -7.93 15.61
CA ALA C 137 5.62 -8.83 15.79
C ALA C 137 5.87 -9.58 14.48
N GLY C 138 4.80 -10.05 13.84
CA GLY C 138 4.96 -10.78 12.59
C GLY C 138 3.82 -11.74 12.25
N TYR C 139 3.99 -12.50 11.18
CA TYR C 139 2.96 -13.43 10.76
C TYR C 139 3.14 -14.76 11.47
N SER C 140 2.11 -15.18 12.20
CA SER C 140 2.09 -16.44 12.95
C SER C 140 1.44 -17.57 12.15
N LEU C 141 2.17 -18.66 11.96
CA LEU C 141 1.67 -19.84 11.24
C LEU C 141 0.48 -20.48 11.95
N GLU C 142 0.57 -20.56 13.26
CA GLU C 142 -0.48 -21.17 14.05
C GLU C 142 -1.78 -20.36 14.07
N GLU C 143 -1.65 -19.04 14.14
CA GLU C 143 -2.81 -18.17 14.22
C GLU C 143 -3.27 -17.78 12.84
N GLN C 144 -2.38 -17.97 11.86
CA GLN C 144 -2.69 -17.61 10.49
C GLN C 144 -3.15 -16.17 10.37
N ARG C 145 -2.30 -15.24 10.79
CA ARG C 145 -2.60 -13.81 10.75
C ARG C 145 -1.45 -13.07 11.42
N ILE C 146 -1.43 -11.77 11.22
CA ILE C 146 -0.39 -10.92 11.79
C ILE C 146 -0.68 -10.69 13.26
N LEU C 147 0.34 -10.83 14.09
CA LEU C 147 0.14 -10.69 15.49
C LEU C 147 0.74 -9.41 15.99
N ASP C 148 0.01 -8.71 16.84
CA ASP C 148 0.53 -7.51 17.46
C ASP C 148 1.63 -7.96 18.43
N TRP C 149 2.44 -6.99 18.82
CA TRP C 149 3.51 -7.26 19.75
C TRP C 149 2.94 -7.00 21.12
N GLN C 150 3.31 -7.85 22.07
CA GLN C 150 2.89 -7.62 23.44
C GLN C 150 3.99 -8.11 24.39
N PRO C 151 4.11 -7.50 25.60
CA PRO C 151 5.10 -7.86 26.62
C PRO C 151 5.24 -9.37 26.81
N ARG C 152 6.45 -9.85 27.03
CA ARG C 152 6.69 -11.30 27.11
C ARG C 152 7.97 -11.64 27.86
N GLU C 153 8.06 -12.88 28.34
CA GLU C 153 9.26 -13.32 29.05
C GLU C 153 10.26 -13.73 27.98
N ASN C 154 11.54 -13.87 28.33
CA ASN C 154 12.52 -14.35 27.35
C ASN C 154 11.95 -15.67 26.89
N PRO C 155 11.76 -15.84 25.59
CA PRO C 155 11.20 -17.08 25.06
C PRO C 155 12.11 -18.26 25.11
N PHE C 156 13.39 -17.96 25.22
CA PHE C 156 14.41 -19.00 25.25
C PHE C 156 15.11 -19.15 26.61
N GLN C 157 14.45 -18.68 27.68
CA GLN C 157 14.99 -18.75 29.04
C GLN C 157 15.47 -20.13 29.39
N ASN C 158 16.71 -20.21 29.86
CA ASN C 158 17.38 -21.45 30.26
C ASN C 158 17.34 -22.66 29.32
N LEU C 159 17.31 -22.37 28.01
CA LEU C 159 17.29 -23.42 27.00
C LEU C 159 18.73 -23.74 26.61
N LYS C 160 19.06 -25.01 26.52
CA LYS C 160 20.40 -25.40 26.09
C LYS C 160 20.20 -25.83 24.66
N VAL C 161 20.78 -25.08 23.73
CA VAL C 161 20.62 -25.38 22.31
C VAL C 161 21.85 -25.91 21.56
N LEU C 162 21.60 -26.79 20.60
CA LEU C 162 22.64 -27.32 19.74
C LEU C 162 22.22 -26.94 18.31
N LEU C 163 23.02 -26.07 17.70
CA LEU C 163 22.81 -25.59 16.33
C LEU C 163 23.69 -26.38 15.36
N VAL C 164 23.06 -27.00 14.37
CA VAL C 164 23.80 -27.79 13.39
C VAL C 164 23.57 -27.27 11.97
N SER C 165 24.64 -26.83 11.31
CA SER C 165 24.48 -26.33 9.94
C SER C 165 25.82 -26.19 9.21
N ASP C 166 25.74 -26.08 7.89
CA ASP C 166 26.94 -25.91 7.07
C ASP C 166 27.23 -24.45 6.68
N GLN C 167 26.81 -23.49 7.51
CA GLN C 167 27.09 -22.09 7.23
C GLN C 167 27.24 -21.30 8.51
N GLN C 168 28.43 -20.72 8.69
CA GLN C 168 28.78 -19.93 9.86
C GLN C 168 27.84 -18.76 9.93
N GLN C 169 28.07 -17.80 9.04
CA GLN C 169 27.22 -16.63 8.96
C GLN C 169 25.96 -17.20 8.30
N ASN C 170 24.81 -16.66 8.68
CA ASN C 170 23.48 -17.06 8.15
C ASN C 170 22.78 -18.08 9.04
N PHE C 171 23.54 -18.99 9.63
CA PHE C 171 22.89 -19.91 10.51
C PHE C 171 23.56 -19.93 11.87
N LEU C 172 24.68 -20.61 12.01
CA LEU C 172 25.34 -20.70 13.31
C LEU C 172 25.65 -19.37 14.01
N GLU C 173 26.15 -18.38 13.26
CA GLU C 173 26.48 -17.08 13.85
C GLU C 173 25.18 -16.33 14.15
N LEU C 174 24.26 -16.41 13.19
CA LEU C 174 22.97 -15.75 13.27
C LEU C 174 22.06 -16.19 14.39
N TRP C 175 21.68 -17.46 14.37
CA TRP C 175 20.77 -17.99 15.38
C TRP C 175 21.37 -18.10 16.75
N SER C 176 22.68 -18.22 16.81
CA SER C 176 23.36 -18.33 18.09
C SER C 176 23.15 -17.03 18.83
N GLU C 177 23.31 -15.94 18.10
CA GLU C 177 23.16 -14.63 18.70
C GLU C 177 21.73 -14.38 19.12
N ILE C 178 20.79 -14.72 18.22
CA ILE C 178 19.37 -14.52 18.49
C ILE C 178 18.90 -15.35 19.68
N LEU C 179 19.30 -16.62 19.73
CA LEU C 179 18.92 -17.51 20.84
C LEU C 179 19.49 -16.97 22.17
N MET C 180 20.76 -16.59 22.16
CA MET C 180 21.42 -16.09 23.36
C MET C 180 20.76 -14.84 23.91
N THR C 181 20.52 -13.83 23.07
CA THR C 181 19.89 -12.62 23.58
C THR C 181 18.43 -12.93 23.92
N GLY C 182 17.93 -14.06 23.44
CA GLY C 182 16.58 -14.47 23.77
C GLY C 182 16.51 -15.20 25.12
N GLY C 183 17.61 -15.16 25.86
CA GLY C 183 17.66 -15.76 27.20
C GLY C 183 18.11 -17.21 27.31
N ALA C 184 18.68 -17.74 26.24
CA ALA C 184 19.12 -19.10 26.26
C ALA C 184 20.31 -19.23 27.21
N ALA C 185 20.38 -20.39 27.87
CA ALA C 185 21.46 -20.67 28.80
C ALA C 185 22.74 -20.93 28.02
N SER C 186 22.59 -21.66 26.92
CA SER C 186 23.75 -21.99 26.09
C SER C 186 23.37 -22.44 24.68
N VAL C 187 24.25 -22.08 23.75
CA VAL C 187 24.08 -22.45 22.37
C VAL C 187 25.40 -22.94 21.87
N LYS C 188 25.41 -24.19 21.42
CA LYS C 188 26.62 -24.81 20.90
C LYS C 188 26.59 -24.81 19.39
N GLN C 189 27.56 -24.16 18.76
CA GLN C 189 27.59 -24.15 17.30
C GLN C 189 28.35 -25.40 16.83
N HIS C 190 27.82 -26.07 15.82
CA HIS C 190 28.46 -27.28 15.34
C HIS C 190 28.21 -27.38 13.85
N HIS C 191 29.27 -27.10 13.08
CA HIS C 191 29.22 -27.14 11.61
C HIS C 191 28.79 -28.53 11.10
N SER C 192 27.68 -28.56 10.35
CA SER C 192 27.11 -29.80 9.81
C SER C 192 28.11 -30.89 9.46
N SER C 193 28.54 -30.89 8.19
CA SER C 193 29.49 -31.87 7.70
C SER C 193 30.88 -31.60 8.31
N ALA C 194 31.43 -30.43 8.00
CA ALA C 194 32.76 -30.06 8.48
C ALA C 194 32.92 -29.94 10.01
N HIS C 195 32.58 -31.01 10.74
CA HIS C 195 32.71 -31.02 12.21
C HIS C 195 32.58 -32.48 12.63
N ASN C 196 33.44 -32.91 13.56
CA ASN C 196 33.42 -34.28 14.07
C ASN C 196 32.66 -34.37 15.40
N LYS C 197 31.55 -35.09 15.35
CA LYS C 197 30.61 -35.28 16.46
C LYS C 197 31.15 -35.73 17.83
N ASP C 198 31.93 -34.85 18.47
CA ASP C 198 32.50 -35.12 19.80
C ASP C 198 31.84 -34.22 20.86
N ILE C 199 30.52 -34.26 20.88
CA ILE C 199 29.70 -33.47 21.80
C ILE C 199 28.84 -34.43 22.63
N ALA C 200 28.18 -33.87 23.64
CA ALA C 200 27.29 -34.67 24.50
C ALA C 200 25.87 -34.23 24.12
N LEU C 201 25.20 -35.02 23.28
CA LEU C 201 23.84 -34.66 22.85
C LEU C 201 22.79 -34.68 23.96
N GLY C 202 23.10 -35.33 25.10
CA GLY C 202 22.15 -35.39 26.20
C GLY C 202 21.98 -34.09 26.97
N VAL C 203 22.98 -33.23 26.89
CA VAL C 203 22.95 -31.94 27.58
C VAL C 203 22.04 -30.87 26.93
N PHE C 204 21.56 -31.13 25.71
CA PHE C 204 20.71 -30.17 25.02
C PHE C 204 19.21 -30.44 25.16
N ASP C 205 18.41 -29.37 25.02
CA ASP C 205 16.95 -29.47 25.10
C ASP C 205 16.41 -29.60 23.70
N VAL C 206 17.07 -28.89 22.78
CA VAL C 206 16.68 -28.81 21.37
C VAL C 206 17.85 -28.71 20.39
N VAL C 207 17.63 -29.28 19.22
CA VAL C 207 18.61 -29.20 18.14
C VAL C 207 17.91 -28.32 17.10
N VAL C 208 18.52 -27.19 16.73
CA VAL C 208 17.99 -26.28 15.72
C VAL C 208 18.90 -26.51 14.52
N THR C 209 18.33 -26.88 13.39
CA THR C 209 19.13 -27.19 12.21
C THR C 209 18.33 -27.08 10.90
N ASP C 210 19.00 -27.33 9.78
CA ASP C 210 18.40 -27.26 8.45
C ASP C 210 18.67 -28.60 7.79
N PRO C 211 18.31 -28.74 6.50
CA PRO C 211 18.53 -29.99 5.77
C PRO C 211 19.97 -30.54 5.71
N SER C 212 20.95 -29.72 6.06
CA SER C 212 22.35 -30.17 6.03
C SER C 212 22.76 -30.92 7.31
N CYS C 213 21.77 -31.35 8.11
CA CYS C 213 22.04 -32.05 9.37
C CYS C 213 22.47 -33.50 9.15
N PRO C 214 23.63 -33.89 9.70
CA PRO C 214 24.09 -35.28 9.51
C PRO C 214 23.14 -36.36 10.09
N ALA C 215 22.89 -37.40 9.32
CA ALA C 215 21.98 -38.46 9.74
C ALA C 215 22.36 -39.04 11.07
N SER C 216 23.64 -38.96 11.41
CA SER C 216 24.09 -39.52 12.68
C SER C 216 23.47 -38.75 13.85
N VAL C 217 23.46 -37.41 13.74
CA VAL C 217 22.91 -36.55 14.78
C VAL C 217 21.39 -36.80 14.89
N LEU C 218 20.69 -36.80 13.75
CA LEU C 218 19.26 -37.05 13.77
C LEU C 218 19.03 -38.40 14.44
N LYS C 219 19.70 -39.44 13.97
CA LYS C 219 19.50 -40.76 14.57
C LYS C 219 19.84 -40.75 16.08
N CYS C 220 20.86 -40.01 16.46
CA CYS C 220 21.21 -39.95 17.87
C CYS C 220 20.15 -39.24 18.66
N ALA C 221 19.70 -38.11 18.13
CA ALA C 221 18.68 -37.31 18.79
C ALA C 221 17.37 -38.10 18.91
N GLU C 222 17.04 -38.84 17.88
CA GLU C 222 15.82 -39.62 17.92
C GLU C 222 15.83 -40.57 19.10
N ALA C 223 16.95 -41.27 19.33
CA ALA C 223 17.05 -42.22 20.44
C ALA C 223 17.17 -41.55 21.83
N LEU C 224 17.78 -40.37 21.87
CA LEU C 224 17.95 -39.58 23.10
C LEU C 224 16.67 -38.78 23.41
N GLN C 225 15.71 -38.88 22.51
CA GLN C 225 14.43 -38.19 22.64
C GLN C 225 14.56 -36.66 22.69
N LEU C 226 15.64 -36.16 22.11
CA LEU C 226 15.89 -34.72 22.05
C LEU C 226 15.28 -34.19 20.73
N PRO C 227 14.33 -33.25 20.83
CA PRO C 227 13.67 -32.66 19.65
C PRO C 227 14.67 -31.85 18.78
N VAL C 228 14.43 -31.95 17.46
CA VAL C 228 15.18 -31.32 16.39
C VAL C 228 14.23 -30.46 15.55
N VAL C 229 14.53 -29.17 15.43
CA VAL C 229 13.68 -28.31 14.61
C VAL C 229 14.50 -27.45 13.65
N SER C 230 13.75 -26.67 12.87
CA SER C 230 14.23 -25.75 11.86
C SER C 230 14.22 -24.35 12.45
N GLN C 231 14.89 -23.41 11.79
CA GLN C 231 14.93 -22.04 12.26
C GLN C 231 13.53 -21.42 12.39
N GLU C 232 12.57 -21.91 11.61
CA GLU C 232 11.23 -21.37 11.67
C GLU C 232 10.64 -21.52 13.12
N TRP C 233 11.03 -22.60 13.79
CA TRP C 233 10.57 -22.80 15.16
C TRP C 233 11.04 -21.62 16.01
N VAL C 234 12.31 -21.24 15.87
CA VAL C 234 12.86 -20.11 16.61
C VAL C 234 12.15 -18.80 16.27
N ILE C 235 11.97 -18.54 14.98
CA ILE C 235 11.31 -17.31 14.54
C ILE C 235 9.89 -17.21 15.08
N GLN C 236 9.16 -18.30 14.97
CA GLN C 236 7.78 -18.31 15.42
C GLN C 236 7.66 -18.05 16.91
N CYS C 237 8.62 -18.55 17.70
CA CYS C 237 8.64 -18.29 19.13
C CYS C 237 8.86 -16.78 19.32
N LEU C 238 9.71 -16.18 18.49
CA LEU C 238 9.98 -14.75 18.64
C LEU C 238 8.78 -13.92 18.30
N ILE C 239 7.98 -14.42 17.35
CA ILE C 239 6.83 -13.67 16.94
C ILE C 239 5.68 -13.80 17.91
N VAL C 240 5.43 -15.02 18.38
CA VAL C 240 4.33 -15.25 19.29
C VAL C 240 4.67 -14.73 20.68
N GLY C 241 5.96 -14.70 21.01
CA GLY C 241 6.37 -14.21 22.31
C GLY C 241 6.42 -15.29 23.38
N GLU C 242 6.47 -16.55 22.96
CA GLU C 242 6.50 -17.65 23.89
C GLU C 242 7.09 -18.89 23.22
N ARG C 243 7.48 -19.88 24.03
CA ARG C 243 8.07 -21.09 23.50
C ARG C 243 6.93 -21.94 22.97
N ILE C 244 6.91 -22.18 21.67
CA ILE C 244 5.81 -22.96 21.13
C ILE C 244 6.17 -24.42 20.86
N GLY C 245 5.15 -25.19 20.52
CA GLY C 245 5.38 -26.60 20.25
C GLY C 245 6.51 -26.86 19.28
N PHE C 246 7.30 -27.89 19.59
CA PHE C 246 8.42 -28.30 18.73
C PHE C 246 7.82 -28.90 17.47
N LYS C 247 6.54 -29.26 17.53
CA LYS C 247 5.91 -29.87 16.38
C LYS C 247 4.48 -29.39 16.08
N GLN C 248 4.13 -28.15 16.44
CA GLN C 248 2.76 -27.73 16.12
C GLN C 248 2.58 -27.29 14.68
N HIS C 249 3.60 -27.45 13.86
CA HIS C 249 3.52 -27.09 12.45
C HIS C 249 4.65 -27.67 11.59
N PRO C 250 4.29 -28.23 10.43
CA PRO C 250 5.24 -28.84 9.49
C PRO C 250 6.52 -28.03 9.24
N LYS C 251 6.41 -26.72 9.03
CA LYS C 251 7.62 -25.95 8.82
C LYS C 251 8.67 -26.07 9.94
N TYR C 252 8.31 -26.67 11.08
CA TYR C 252 9.26 -26.84 12.19
C TYR C 252 10.17 -28.05 12.06
N LYS C 253 9.88 -28.92 11.09
CA LYS C 253 10.74 -30.08 10.85
C LYS C 253 11.96 -29.49 10.15
N HIS C 254 13.14 -29.79 10.66
CA HIS C 254 14.41 -29.29 10.11
C HIS C 254 14.58 -29.53 8.60
N ASP C 255 14.01 -30.65 8.12
CA ASP C 255 14.11 -31.02 6.71
C ASP C 255 13.01 -30.52 5.76
N TYR C 256 12.02 -29.78 6.27
CA TYR C 256 10.93 -29.25 5.43
C TYR C 256 11.51 -28.39 4.31
N VAL C 257 11.07 -28.66 3.08
CA VAL C 257 11.55 -27.90 1.92
C VAL C 257 10.34 -27.23 1.24
N SER C 258 10.56 -26.02 0.70
CA SER C 258 9.52 -25.23 0.02
C SER C 258 8.33 -26.09 -0.44
N HIS C 259 8.35 -26.50 -1.72
CA HIS C 259 7.32 -27.38 -2.28
C HIS C 259 5.92 -26.75 -2.31
N ALA D 1 14.46 27.51 -25.89
CA ALA D 1 13.22 26.68 -25.75
C ALA D 1 13.56 25.29 -25.25
N LEU D 2 14.85 25.04 -25.04
CA LEU D 2 15.31 23.73 -24.57
C LEU D 2 15.52 23.61 -23.04
N GLU D 3 15.77 24.73 -22.37
CA GLU D 3 15.95 24.73 -20.91
C GLU D 3 14.56 24.59 -20.26
N GLU D 4 13.58 25.15 -20.96
CA GLU D 4 12.17 25.15 -20.55
C GLU D 4 11.69 23.80 -20.04
N GLN D 5 11.87 22.75 -20.85
CA GLN D 5 11.46 21.39 -20.48
C GLN D 5 12.40 20.90 -19.38
N ARG D 6 13.70 20.90 -19.72
CA ARG D 6 14.79 20.49 -18.86
C ARG D 6 14.47 20.74 -17.41
N GLY D 7 14.11 22.00 -17.12
CA GLY D 7 13.83 22.38 -15.75
C GLY D 7 15.15 22.78 -15.13
N PRO D 8 15.12 23.37 -13.94
CA PRO D 8 16.40 23.76 -13.35
C PRO D 8 17.08 22.63 -12.59
N LEU D 9 18.05 23.03 -11.79
CA LEU D 9 18.71 22.10 -10.92
C LEU D 9 17.77 22.27 -9.71
N PRO D 10 17.61 21.22 -8.90
CA PRO D 10 16.74 21.22 -7.72
C PRO D 10 16.64 22.34 -6.65
N LEU D 11 17.60 23.22 -6.48
CA LEU D 11 17.42 24.20 -5.40
C LEU D 11 17.40 23.45 -4.07
N ASN D 12 16.29 22.77 -3.75
CA ASN D 12 16.19 21.96 -2.51
C ASN D 12 17.24 20.83 -2.62
N LYS D 13 18.31 20.95 -1.82
CA LYS D 13 19.41 20.00 -1.82
C LYS D 13 19.06 18.54 -1.48
N THR D 14 17.99 18.33 -0.75
CA THR D 14 17.66 16.97 -0.35
C THR D 14 16.47 16.39 -1.04
N LEU D 15 16.13 16.97 -2.18
CA LEU D 15 14.97 16.55 -2.95
C LEU D 15 14.85 15.05 -3.22
N PHE D 16 15.95 14.43 -3.64
CA PHE D 16 15.94 13.02 -3.99
C PHE D 16 16.60 12.11 -2.96
N LEU D 17 16.90 12.66 -1.81
CA LEU D 17 17.51 11.88 -0.75
C LEU D 17 16.71 10.60 -0.47
N GLY D 18 17.37 9.45 -0.49
CA GLY D 18 16.66 8.20 -0.22
C GLY D 18 16.24 7.48 -1.50
N TYR D 19 16.62 8.10 -2.63
CA TYR D 19 16.32 7.55 -3.93
C TYR D 19 17.59 7.22 -4.64
N ALA D 20 17.56 6.15 -5.40
CA ALA D 20 18.73 5.73 -6.15
C ALA D 20 18.23 5.55 -7.57
N PHE D 21 19.05 5.96 -8.55
CA PHE D 21 18.68 5.90 -9.96
C PHE D 21 19.61 5.11 -10.87
N LEU D 22 19.00 4.51 -11.89
CA LEU D 22 19.73 3.77 -12.88
C LEU D 22 19.32 4.45 -14.17
N LEU D 23 20.28 4.86 -14.99
CA LEU D 23 19.92 5.51 -16.25
C LEU D 23 20.23 4.72 -17.55
N THR D 24 19.32 4.74 -18.51
CA THR D 24 19.51 4.13 -19.85
C THR D 24 18.75 4.95 -20.88
N MET D 25 18.79 4.49 -22.13
CA MET D 25 18.15 5.15 -23.28
C MET D 25 18.20 4.25 -24.53
N ALA D 26 17.33 4.51 -25.50
CA ALA D 26 17.27 3.69 -26.69
C ALA D 26 18.31 3.96 -27.77
N THR D 27 18.10 3.34 -28.95
CA THR D 27 18.96 3.46 -30.15
C THR D 27 18.21 2.94 -31.44
N ILE D 55 7.40 15.30 -26.40
CA ILE D 55 8.54 14.42 -26.01
C ILE D 55 9.87 15.22 -25.84
N PRO D 56 9.99 16.00 -24.71
CA PRO D 56 11.13 16.86 -24.31
C PRO D 56 12.52 16.16 -24.33
N PRO D 57 13.37 16.43 -25.35
CA PRO D 57 14.69 15.81 -25.45
C PRO D 57 15.29 15.32 -24.13
N PHE D 58 15.73 14.08 -24.14
CA PHE D 58 16.31 13.52 -22.94
C PHE D 58 17.80 13.80 -22.89
N ASN D 59 18.12 14.60 -21.88
CA ASN D 59 19.46 15.04 -21.58
C ASN D 59 19.99 14.13 -20.44
N LYS D 60 20.65 13.02 -20.76
CA LYS D 60 21.16 12.16 -19.69
C LYS D 60 22.26 12.81 -18.85
N GLN D 61 22.64 14.02 -19.24
CA GLN D 61 23.67 14.76 -18.53
C GLN D 61 23.10 15.73 -17.53
N TYR D 62 22.15 16.53 -18.00
CA TYR D 62 21.52 17.49 -17.11
C TYR D 62 20.74 16.67 -16.04
N THR D 63 20.03 15.60 -16.48
CA THR D 63 19.22 14.76 -15.61
C THR D 63 19.99 14.20 -14.41
N GLU D 64 21.15 13.63 -14.71
CA GLU D 64 21.97 13.08 -13.65
C GLU D 64 22.56 14.15 -12.75
N SER D 65 22.77 15.35 -13.29
CA SER D 65 23.29 16.43 -12.49
C SER D 65 22.15 17.01 -11.63
N GLN D 66 20.92 16.96 -12.13
CA GLN D 66 19.79 17.45 -11.35
C GLN D 66 19.65 16.54 -10.12
N LEU D 67 19.73 15.24 -10.38
CA LEU D 67 19.60 14.23 -9.38
C LEU D 67 20.62 14.39 -8.27
N ARG D 68 21.88 14.55 -8.66
CA ARG D 68 22.95 14.72 -7.67
C ARG D 68 22.70 15.95 -6.84
N ALA D 69 22.29 17.05 -7.47
CA ALA D 69 22.04 18.30 -6.75
C ALA D 69 20.96 18.13 -5.72
N GLY D 70 20.22 17.04 -5.84
CA GLY D 70 19.15 16.75 -4.90
C GLY D 70 19.53 15.66 -3.94
N ALA D 71 20.81 15.29 -3.90
CA ALA D 71 21.30 14.21 -3.01
C ALA D 71 20.77 12.84 -3.45
N GLY D 72 20.37 12.75 -4.73
CA GLY D 72 19.90 11.50 -5.27
C GLY D 72 21.14 10.62 -5.39
N TYR D 73 20.97 9.31 -5.32
CA TYR D 73 22.12 8.44 -5.40
C TYR D 73 22.19 7.85 -6.80
N ILE D 74 23.34 8.00 -7.45
CA ILE D 74 23.51 7.48 -8.79
C ILE D 74 24.17 6.12 -8.83
N LEU D 75 23.40 5.13 -9.26
CA LEU D 75 23.84 3.74 -9.39
C LEU D 75 24.47 3.56 -10.73
N GLU D 76 25.74 3.20 -10.79
CA GLU D 76 26.34 3.07 -12.11
C GLU D 76 25.88 1.81 -12.82
N ASP D 77 25.68 0.75 -12.06
CA ASP D 77 25.23 -0.48 -12.65
C ASP D 77 24.19 -1.11 -11.74
N PHE D 78 23.38 -2.01 -12.28
CA PHE D 78 22.34 -2.67 -11.51
C PHE D 78 22.93 -3.36 -10.27
N ASN D 79 22.18 -3.24 -9.18
CA ASN D 79 22.60 -3.84 -7.94
C ASN D 79 21.35 -4.00 -7.09
N GLU D 80 20.81 -5.20 -6.96
CA GLU D 80 19.61 -5.28 -6.18
C GLU D 80 19.85 -5.27 -4.69
N ALA D 81 21.11 -5.16 -4.31
CA ALA D 81 21.45 -5.11 -2.89
C ALA D 81 20.90 -3.78 -2.34
N GLN D 82 21.40 -2.68 -2.89
CA GLN D 82 20.99 -1.34 -2.48
C GLN D 82 19.54 -1.08 -2.79
N CYS D 83 19.05 -1.74 -3.83
CA CYS D 83 17.67 -1.60 -4.27
C CYS D 83 16.71 -2.34 -3.38
N ASN D 84 17.25 -3.25 -2.57
CA ASN D 84 16.44 -4.03 -1.67
C ASN D 84 16.48 -3.57 -0.24
N THR D 85 17.55 -2.94 0.18
CA THR D 85 17.63 -2.55 1.59
C THR D 85 17.95 -1.10 1.86
N ALA D 86 18.67 -0.44 0.96
CA ALA D 86 19.08 0.93 1.20
C ALA D 86 18.29 2.09 0.58
N TYR D 87 17.89 1.96 -0.68
CA TYR D 87 17.18 3.03 -1.36
C TYR D 87 15.90 2.68 -2.08
N GLN D 88 15.12 3.70 -2.40
CA GLN D 88 13.94 3.47 -3.23
C GLN D 88 14.56 3.66 -4.61
N CYS D 89 14.74 2.57 -5.36
CA CYS D 89 15.36 2.62 -6.68
C CYS D 89 14.41 2.89 -7.78
N LEU D 90 14.85 3.67 -8.77
CA LEU D 90 14.06 3.98 -9.96
C LEU D 90 14.99 3.99 -11.19
N LEU D 91 14.44 3.60 -12.33
CA LEU D 91 15.16 3.63 -13.59
C LEU D 91 14.57 4.82 -14.34
N ILE D 92 15.46 5.64 -14.86
CA ILE D 92 15.10 6.85 -15.57
C ILE D 92 15.59 6.74 -17.02
N ALA D 93 14.69 7.01 -17.95
CA ALA D 93 15.02 6.96 -19.37
C ALA D 93 14.04 7.87 -20.04
N ASP D 94 14.19 8.04 -21.35
CA ASP D 94 13.29 8.90 -22.11
C ASP D 94 12.12 8.17 -22.68
N GLN D 95 12.25 6.85 -22.82
CA GLN D 95 11.20 5.99 -23.35
C GLN D 95 11.54 4.53 -23.03
N HIS D 96 10.68 3.60 -23.44
CA HIS D 96 10.99 2.22 -23.15
C HIS D 96 12.22 1.80 -23.94
N CYS D 97 13.08 0.97 -23.33
CA CYS D 97 14.31 0.52 -23.98
C CYS D 97 14.47 -0.99 -23.99
N ARG D 98 15.45 -1.42 -24.75
CA ARG D 98 15.80 -2.81 -24.85
C ARG D 98 17.22 -2.95 -24.39
N THR D 99 17.62 -2.20 -23.38
CA THR D 99 18.98 -2.32 -22.90
C THR D 99 19.03 -3.30 -21.75
N ARG D 100 20.22 -3.69 -21.35
CA ARG D 100 20.41 -4.63 -20.25
C ARG D 100 19.79 -4.09 -18.92
N LYS D 101 19.94 -2.79 -18.69
CA LYS D 101 19.42 -2.19 -17.50
C LYS D 101 17.91 -2.21 -17.52
N TYR D 102 17.30 -1.87 -18.66
CA TYR D 102 15.84 -1.88 -18.73
C TYR D 102 15.35 -3.28 -18.34
N PHE D 103 15.93 -4.30 -18.97
CA PHE D 103 15.53 -5.67 -18.69
C PHE D 103 15.70 -6.10 -17.22
N LEU D 104 16.81 -5.69 -16.62
CA LEU D 104 17.08 -5.98 -15.22
C LEU D 104 15.99 -5.34 -14.36
N CYS D 105 15.60 -4.10 -14.67
CA CYS D 105 14.57 -3.46 -13.89
C CYS D 105 13.21 -4.14 -14.08
N LEU D 106 12.81 -4.40 -15.32
CA LEU D 106 11.55 -5.11 -15.51
C LEU D 106 11.65 -6.46 -14.76
N ALA D 107 12.73 -7.19 -14.93
CA ALA D 107 12.79 -8.49 -14.21
C ALA D 107 12.76 -8.36 -12.68
N SER D 108 13.29 -7.27 -12.12
CA SER D 108 13.33 -7.18 -10.68
C SER D 108 12.27 -6.31 -10.02
N GLY D 109 11.33 -5.79 -10.80
CA GLY D 109 10.29 -4.95 -10.21
C GLY D 109 10.71 -3.51 -9.96
N ILE D 110 11.87 -3.09 -10.46
CA ILE D 110 12.26 -1.70 -10.25
C ILE D 110 11.45 -0.84 -11.24
N PRO D 111 10.79 0.20 -10.75
CA PRO D 111 10.01 1.00 -11.71
C PRO D 111 10.80 1.71 -12.80
N CYS D 112 10.26 1.69 -14.03
CA CYS D 112 10.87 2.37 -15.17
C CYS D 112 10.13 3.69 -15.33
N VAL D 113 10.77 4.77 -14.92
CA VAL D 113 10.16 6.08 -14.93
C VAL D 113 10.78 7.03 -15.93
N SER D 114 9.94 7.91 -16.48
CA SER D 114 10.29 8.91 -17.48
C SER D 114 11.15 10.02 -16.86
N HIS D 115 12.24 10.40 -17.54
CA HIS D 115 13.10 11.45 -17.02
C HIS D 115 12.26 12.71 -16.70
N VAL D 116 11.15 12.88 -17.42
CA VAL D 116 10.23 14.01 -17.18
C VAL D 116 9.74 14.06 -15.72
N TRP D 117 9.88 12.95 -14.99
CA TRP D 117 9.52 12.91 -13.56
C TRP D 117 10.61 13.71 -12.82
N VAL D 118 11.86 13.54 -13.26
CA VAL D 118 12.98 14.25 -12.65
C VAL D 118 12.78 15.74 -12.92
N HIS D 119 12.52 16.06 -14.19
CA HIS D 119 12.30 17.43 -14.61
C HIS D 119 11.15 18.12 -13.92
N ASP D 120 10.02 17.43 -13.79
CA ASP D 120 8.87 18.03 -13.12
C ASP D 120 9.16 18.18 -11.64
N SER D 121 9.90 17.24 -11.07
CA SER D 121 10.16 17.35 -9.65
C SER D 121 11.09 18.55 -9.37
N CYS D 122 12.22 18.63 -10.07
CA CYS D 122 13.15 19.73 -9.90
C CYS D 122 12.40 21.06 -10.09
N HIS D 123 11.27 20.99 -10.78
CA HIS D 123 10.45 22.17 -11.00
C HIS D 123 9.53 22.57 -9.82
N ALA D 124 8.82 21.62 -9.25
CA ALA D 124 7.94 21.91 -8.13
C ALA D 124 8.77 21.90 -6.84
N ASN D 125 10.06 21.58 -7.00
CA ASN D 125 10.96 21.48 -5.88
C ASN D 125 10.30 20.53 -4.91
N GLN D 126 9.60 19.57 -5.47
CA GLN D 126 8.86 18.62 -4.68
C GLN D 126 8.75 17.33 -5.49
N LEU D 127 8.88 16.21 -4.81
CA LEU D 127 8.81 14.94 -5.52
C LEU D 127 7.42 14.73 -6.10
N GLN D 128 7.40 14.29 -7.35
CA GLN D 128 6.16 14.01 -8.01
C GLN D 128 5.86 12.50 -7.83
N ASN D 129 4.63 12.11 -8.08
CA ASN D 129 4.22 10.71 -7.94
C ASN D 129 4.78 9.93 -9.15
N TYR D 130 5.85 9.16 -8.97
CA TYR D 130 6.41 8.46 -10.12
C TYR D 130 5.42 7.52 -10.84
N ARG D 131 4.38 7.11 -10.13
CA ARG D 131 3.36 6.25 -10.73
C ARG D 131 2.60 6.90 -11.89
N ASN D 132 2.71 8.23 -12.05
CA ASN D 132 2.08 8.90 -13.17
C ASN D 132 3.11 9.08 -14.31
N TYR D 133 4.31 8.52 -14.13
CA TYR D 133 5.36 8.68 -15.14
C TYR D 133 5.99 7.38 -15.58
N LEU D 134 5.29 6.27 -15.37
CA LEU D 134 5.82 4.96 -15.76
C LEU D 134 5.97 4.88 -17.28
N LEU D 135 7.11 4.39 -17.73
CA LEU D 135 7.37 4.24 -19.16
C LEU D 135 6.66 2.97 -19.62
N PRO D 136 6.51 2.74 -20.93
CA PRO D 136 5.83 1.48 -21.27
C PRO D 136 6.78 0.31 -20.99
N ALA D 137 6.28 -0.92 -20.89
CA ALA D 137 7.23 -2.01 -20.65
C ALA D 137 8.02 -2.24 -21.96
N GLY D 138 7.34 -2.17 -23.10
CA GLY D 138 7.99 -2.35 -24.40
C GLY D 138 7.06 -2.75 -25.52
N TYR D 139 7.64 -3.06 -26.68
CA TYR D 139 6.87 -3.48 -27.88
C TYR D 139 6.63 -4.98 -27.79
N SER D 140 5.37 -5.41 -27.92
CA SER D 140 5.03 -6.83 -27.87
C SER D 140 4.77 -7.41 -29.25
N LEU D 141 5.51 -8.46 -29.60
CA LEU D 141 5.37 -9.13 -30.90
C LEU D 141 3.98 -9.68 -31.03
N GLU D 142 3.58 -10.54 -30.10
CA GLU D 142 2.26 -11.12 -30.13
C GLU D 142 1.17 -10.05 -30.29
N GLU D 143 1.24 -9.00 -29.49
CA GLU D 143 0.24 -7.94 -29.52
C GLU D 143 0.40 -7.00 -30.69
N GLN D 144 1.65 -6.82 -31.11
CA GLN D 144 1.99 -5.92 -32.20
C GLN D 144 1.76 -4.48 -31.81
N ARG D 145 2.08 -4.13 -30.58
CA ARG D 145 1.91 -2.75 -30.13
C ARG D 145 2.73 -2.55 -28.87
N ILE D 146 2.93 -1.31 -28.47
CA ILE D 146 3.68 -1.00 -27.26
C ILE D 146 2.77 -1.33 -26.04
N LEU D 147 3.32 -2.06 -25.08
CA LEU D 147 2.51 -2.42 -23.93
C LEU D 147 2.88 -1.70 -22.69
N ASP D 148 1.84 -1.31 -21.96
CA ASP D 148 2.03 -0.64 -20.71
C ASP D 148 2.51 -1.67 -19.72
N TRP D 149 3.23 -1.16 -18.73
CA TRP D 149 3.72 -1.95 -17.63
C TRP D 149 2.60 -2.05 -16.58
N GLN D 150 2.53 -3.20 -15.93
CA GLN D 150 1.58 -3.44 -14.86
C GLN D 150 2.20 -4.49 -13.96
N PRO D 151 1.80 -4.48 -12.69
CA PRO D 151 2.33 -5.45 -11.72
C PRO D 151 2.26 -6.88 -12.26
N ARG D 152 3.22 -7.70 -11.87
CA ARG D 152 3.25 -9.09 -12.33
C ARG D 152 4.09 -9.94 -11.39
N GLU D 153 3.85 -11.25 -11.50
CA GLU D 153 4.60 -12.27 -10.73
C GLU D 153 5.95 -12.48 -11.42
N ASN D 154 6.92 -13.08 -10.75
CA ASN D 154 8.19 -13.35 -11.41
C ASN D 154 7.94 -14.25 -12.63
N PRO D 155 8.21 -13.73 -13.83
CA PRO D 155 8.00 -14.47 -15.07
C PRO D 155 8.80 -15.76 -15.23
N PHE D 156 9.92 -15.83 -14.52
CA PHE D 156 10.76 -17.02 -14.63
C PHE D 156 10.81 -17.89 -13.37
N GLN D 157 9.88 -17.64 -12.45
CA GLN D 157 9.78 -18.34 -11.18
C GLN D 157 10.05 -19.81 -11.27
N ASN D 158 11.03 -20.26 -10.49
CA ASN D 158 11.44 -21.65 -10.41
C ASN D 158 11.78 -22.36 -11.77
N LEU D 159 12.05 -21.57 -12.78
CA LEU D 159 12.39 -22.16 -14.06
C LEU D 159 13.85 -22.67 -14.00
N LYS D 160 14.11 -23.78 -14.70
CA LYS D 160 15.45 -24.35 -14.77
C LYS D 160 15.98 -24.13 -16.18
N VAL D 161 16.86 -23.17 -16.36
CA VAL D 161 17.37 -22.85 -17.69
C VAL D 161 18.78 -23.31 -18.02
N LEU D 162 18.99 -23.57 -19.31
CA LEU D 162 20.28 -23.95 -19.85
C LEU D 162 20.59 -22.88 -20.90
N LEU D 163 21.63 -22.08 -20.64
CA LEU D 163 22.06 -21.03 -21.54
C LEU D 163 23.19 -21.53 -22.44
N VAL D 164 23.02 -21.44 -23.74
CA VAL D 164 24.08 -21.89 -24.63
C VAL D 164 24.44 -20.79 -25.64
N SER D 165 25.74 -20.47 -25.70
CA SER D 165 26.26 -19.46 -26.60
C SER D 165 27.79 -19.35 -26.61
N ASP D 166 28.31 -18.68 -27.63
CA ASP D 166 29.75 -18.52 -27.77
C ASP D 166 30.17 -17.15 -27.31
N GLN D 167 29.44 -16.58 -26.36
CA GLN D 167 29.83 -15.29 -25.85
C GLN D 167 29.42 -15.05 -24.43
N GLN D 168 30.41 -15.18 -23.54
CA GLN D 168 30.29 -14.98 -22.10
C GLN D 168 29.55 -13.69 -21.82
N GLN D 169 30.14 -12.57 -22.20
CA GLN D 169 29.51 -11.30 -22.01
C GLN D 169 28.67 -11.14 -23.27
N ASN D 170 27.49 -10.54 -23.13
CA ASN D 170 26.50 -10.30 -24.20
C ASN D 170 25.44 -11.38 -24.22
N PHE D 171 25.76 -12.58 -23.75
CA PHE D 171 24.75 -13.62 -23.73
C PHE D 171 24.75 -14.40 -22.42
N LEU D 172 25.73 -15.28 -22.23
CA LEU D 172 25.78 -16.09 -21.01
C LEU D 172 25.68 -15.29 -19.72
N GLU D 173 26.49 -14.23 -19.57
CA GLU D 173 26.48 -13.38 -18.38
C GLU D 173 25.19 -12.60 -18.37
N LEU D 174 24.97 -11.87 -19.48
CA LEU D 174 23.79 -11.05 -19.65
C LEU D 174 22.47 -11.74 -19.27
N TRP D 175 22.14 -12.84 -19.94
CA TRP D 175 20.88 -13.50 -19.65
C TRP D 175 20.82 -14.28 -18.35
N SER D 176 21.95 -14.84 -17.92
CA SER D 176 21.97 -15.60 -16.68
C SER D 176 21.52 -14.70 -15.52
N GLU D 177 22.04 -13.48 -15.51
CA GLU D 177 21.70 -12.50 -14.49
C GLU D 177 20.25 -12.04 -14.59
N ILE D 178 19.76 -11.75 -15.80
CA ILE D 178 18.37 -11.35 -15.98
C ILE D 178 17.41 -12.49 -15.59
N LEU D 179 17.69 -13.73 -16.00
CA LEU D 179 16.83 -14.88 -15.68
C LEU D 179 16.68 -15.05 -14.19
N MET D 180 17.84 -15.09 -13.52
CA MET D 180 17.91 -15.21 -12.08
C MET D 180 17.15 -14.07 -11.39
N THR D 181 17.49 -12.82 -11.70
CA THR D 181 16.78 -11.73 -11.01
C THR D 181 15.29 -11.85 -11.24
N GLY D 182 14.89 -12.39 -12.40
CA GLY D 182 13.50 -12.60 -12.75
C GLY D 182 12.82 -13.81 -12.09
N GLY D 183 13.57 -14.57 -11.28
CA GLY D 183 12.99 -15.69 -10.58
C GLY D 183 13.44 -17.11 -10.86
N ALA D 184 14.25 -17.29 -11.88
CA ALA D 184 14.72 -18.62 -12.22
C ALA D 184 15.23 -19.37 -11.00
N ALA D 185 15.04 -20.68 -11.00
CA ALA D 185 15.51 -21.49 -9.89
C ALA D 185 17.01 -21.69 -10.13
N SER D 186 17.35 -21.89 -11.40
CA SER D 186 18.73 -22.11 -11.81
C SER D 186 18.98 -21.81 -13.28
N VAL D 187 20.22 -21.42 -13.56
CA VAL D 187 20.66 -21.14 -14.91
C VAL D 187 22.05 -21.76 -15.08
N LYS D 188 22.19 -22.58 -16.09
CA LYS D 188 23.47 -23.18 -16.35
C LYS D 188 24.07 -22.53 -17.61
N GLN D 189 25.21 -21.87 -17.43
CA GLN D 189 25.87 -21.23 -18.55
C GLN D 189 26.74 -22.30 -19.22
N HIS D 190 26.57 -22.47 -20.52
CA HIS D 190 27.32 -23.45 -21.29
C HIS D 190 27.80 -22.84 -22.62
N HIS D 191 29.10 -22.58 -22.70
CA HIS D 191 29.75 -21.98 -23.87
C HIS D 191 29.54 -22.85 -25.12
N SER D 192 28.88 -22.31 -26.12
CA SER D 192 28.57 -23.06 -27.33
C SER D 192 29.58 -24.14 -27.70
N SER D 193 30.53 -23.77 -28.54
CA SER D 193 31.53 -24.70 -28.99
C SER D 193 32.48 -25.05 -27.86
N ALA D 194 33.20 -24.05 -27.41
CA ALA D 194 34.17 -24.23 -26.36
C ALA D 194 33.54 -24.76 -25.09
N HIS D 195 33.02 -25.99 -25.12
CA HIS D 195 32.41 -26.62 -23.94
C HIS D 195 31.98 -28.04 -24.27
N ASN D 196 32.37 -28.97 -23.40
CA ASN D 196 32.06 -30.39 -23.56
C ASN D 196 30.74 -30.74 -22.87
N LYS D 197 29.80 -31.27 -23.66
CA LYS D 197 28.46 -31.63 -23.20
C LYS D 197 28.31 -32.73 -22.14
N ASP D 198 28.75 -32.46 -20.90
CA ASP D 198 28.61 -33.41 -19.79
C ASP D 198 27.61 -32.85 -18.81
N ILE D 199 26.45 -32.51 -19.35
CA ILE D 199 25.35 -31.95 -18.60
C ILE D 199 24.13 -32.84 -18.72
N ALA D 200 23.20 -32.70 -17.80
CA ALA D 200 21.99 -33.49 -17.83
C ALA D 200 20.86 -32.65 -18.40
N LEU D 201 20.62 -32.78 -19.70
CA LEU D 201 19.58 -32.01 -20.36
C LEU D 201 18.16 -32.26 -19.87
N GLY D 202 17.96 -33.29 -19.03
CA GLY D 202 16.62 -33.57 -18.56
C GLY D 202 16.23 -32.72 -17.39
N VAL D 203 17.22 -32.18 -16.69
CA VAL D 203 16.96 -31.34 -15.53
C VAL D 203 16.41 -29.98 -15.93
N PHE D 204 16.61 -29.58 -17.18
CA PHE D 204 16.15 -28.27 -17.65
C PHE D 204 14.72 -28.20 -18.15
N ASP D 205 14.16 -27.00 -18.12
CA ASP D 205 12.81 -26.71 -18.59
C ASP D 205 12.88 -26.10 -19.98
N VAL D 206 13.96 -25.36 -20.19
CA VAL D 206 14.22 -24.65 -21.45
C VAL D 206 15.72 -24.54 -21.72
N VAL D 207 16.01 -24.27 -22.98
CA VAL D 207 17.35 -24.02 -23.44
C VAL D 207 17.21 -22.64 -24.12
N VAL D 208 17.95 -21.66 -23.63
CA VAL D 208 17.91 -20.33 -24.23
C VAL D 208 19.26 -20.21 -24.93
N THR D 209 19.21 -20.07 -26.25
CA THR D 209 20.43 -20.03 -27.05
C THR D 209 20.35 -19.13 -28.31
N ASP D 210 21.35 -19.25 -29.18
CA ASP D 210 21.36 -18.47 -30.44
C ASP D 210 21.85 -19.31 -31.59
N PRO D 211 22.13 -18.69 -32.74
CA PRO D 211 22.60 -19.53 -33.84
C PRO D 211 23.91 -20.25 -33.66
N SER D 212 24.61 -20.06 -32.56
CA SER D 212 25.88 -20.75 -32.38
C SER D 212 25.74 -22.01 -31.58
N CYS D 213 24.50 -22.42 -31.37
CA CYS D 213 24.22 -23.61 -30.60
C CYS D 213 24.68 -24.87 -31.33
N PRO D 214 25.50 -25.69 -30.67
CA PRO D 214 25.96 -26.93 -31.30
C PRO D 214 24.78 -27.85 -31.67
N ALA D 215 24.85 -28.48 -32.85
CA ALA D 215 23.79 -29.38 -33.32
C ALA D 215 23.54 -30.57 -32.44
N SER D 216 24.54 -31.00 -31.69
CA SER D 216 24.33 -32.15 -30.83
C SER D 216 23.27 -31.76 -29.76
N VAL D 217 23.48 -30.63 -29.08
CA VAL D 217 22.55 -30.09 -28.05
C VAL D 217 21.10 -29.99 -28.57
N LEU D 218 20.94 -29.52 -29.81
CA LEU D 218 19.63 -29.38 -30.45
C LEU D 218 18.99 -30.72 -30.70
N LYS D 219 19.75 -31.65 -31.28
CA LYS D 219 19.19 -32.97 -31.54
C LYS D 219 18.83 -33.68 -30.24
N CYS D 220 19.58 -33.44 -29.18
CA CYS D 220 19.26 -34.05 -27.89
C CYS D 220 18.01 -33.42 -27.28
N ALA D 221 17.97 -32.08 -27.26
CA ALA D 221 16.83 -31.37 -26.71
C ALA D 221 15.59 -31.84 -27.39
N GLU D 222 15.67 -31.99 -28.69
CA GLU D 222 14.53 -32.44 -29.46
C GLU D 222 14.10 -33.79 -28.93
N ALA D 223 15.03 -34.72 -28.90
CA ALA D 223 14.72 -36.05 -28.43
C ALA D 223 14.21 -36.07 -26.99
N LEU D 224 14.63 -35.11 -26.18
CA LEU D 224 14.21 -35.03 -24.77
C LEU D 224 13.00 -34.14 -24.57
N GLN D 225 12.46 -33.63 -25.69
CA GLN D 225 11.29 -32.77 -25.70
C GLN D 225 11.52 -31.46 -24.96
N LEU D 226 12.79 -31.13 -24.77
CA LEU D 226 13.17 -29.91 -24.09
C LEU D 226 13.02 -28.77 -25.09
N PRO D 227 12.20 -27.78 -24.78
CA PRO D 227 12.06 -26.67 -25.75
C PRO D 227 13.33 -25.81 -25.79
N VAL D 228 13.60 -25.24 -26.97
CA VAL D 228 14.77 -24.42 -27.24
C VAL D 228 14.37 -23.06 -27.82
N VAL D 229 14.88 -21.99 -27.24
CA VAL D 229 14.52 -20.67 -27.74
C VAL D 229 15.67 -19.64 -27.82
N SER D 230 15.37 -18.50 -28.44
CA SER D 230 16.28 -17.39 -28.57
C SER D 230 16.09 -16.43 -27.38
N GLN D 231 16.94 -15.43 -27.28
CA GLN D 231 16.82 -14.46 -26.20
C GLN D 231 15.58 -13.60 -26.35
N GLU D 232 14.99 -13.55 -27.55
CA GLU D 232 13.79 -12.74 -27.77
C GLU D 232 12.62 -13.31 -26.97
N TRP D 233 12.69 -14.60 -26.65
CA TRP D 233 11.65 -15.25 -25.88
C TRP D 233 11.68 -14.69 -24.47
N VAL D 234 12.90 -14.52 -23.95
CA VAL D 234 13.08 -14.01 -22.61
C VAL D 234 12.64 -12.56 -22.57
N ILE D 235 13.12 -11.77 -23.51
CA ILE D 235 12.79 -10.36 -23.55
C ILE D 235 11.29 -10.11 -23.51
N GLN D 236 10.59 -10.84 -24.39
CA GLN D 236 9.16 -10.73 -24.55
C GLN D 236 8.43 -11.13 -23.26
N CYS D 237 8.95 -12.12 -22.55
CA CYS D 237 8.40 -12.55 -21.26
C CYS D 237 8.43 -11.37 -20.28
N LEU D 238 9.55 -10.66 -20.30
CA LEU D 238 9.74 -9.50 -19.47
C LEU D 238 8.79 -8.37 -19.91
N ILE D 239 8.57 -8.22 -21.21
CA ILE D 239 7.70 -7.12 -21.67
C ILE D 239 6.22 -7.33 -21.35
N VAL D 240 5.73 -8.54 -21.61
CA VAL D 240 4.35 -8.94 -21.40
C VAL D 240 4.04 -9.14 -19.89
N GLY D 241 5.01 -9.59 -19.10
CA GLY D 241 4.77 -9.78 -17.70
C GLY D 241 4.37 -11.18 -17.35
N GLU D 242 4.63 -12.11 -18.26
CA GLU D 242 4.28 -13.49 -18.00
C GLU D 242 5.05 -14.43 -18.90
N ARG D 243 5.12 -15.70 -18.52
CA ARG D 243 5.81 -16.71 -19.31
C ARG D 243 4.89 -17.04 -20.51
N ILE D 244 5.36 -16.69 -21.71
CA ILE D 244 4.57 -16.91 -22.92
C ILE D 244 4.96 -18.14 -23.71
N GLY D 245 4.21 -18.42 -24.77
CA GLY D 245 4.48 -19.60 -25.58
C GLY D 245 5.92 -19.76 -26.08
N PHE D 246 6.51 -20.94 -25.91
CA PHE D 246 7.88 -21.18 -26.39
C PHE D 246 7.90 -21.00 -27.91
N LYS D 247 6.76 -21.18 -28.56
CA LYS D 247 6.70 -21.07 -30.00
C LYS D 247 5.60 -20.18 -30.54
N GLN D 248 5.18 -19.16 -29.79
CA GLN D 248 4.10 -18.36 -30.31
C GLN D 248 4.55 -17.31 -31.31
N HIS D 249 5.85 -17.25 -31.58
CA HIS D 249 6.36 -16.32 -32.58
C HIS D 249 7.64 -16.86 -33.20
N PRO D 250 7.80 -16.71 -34.52
CA PRO D 250 9.00 -17.20 -35.20
C PRO D 250 10.30 -16.78 -34.51
N LYS D 251 10.37 -15.51 -34.15
CA LYS D 251 11.58 -15.00 -33.52
C LYS D 251 11.98 -15.75 -32.27
N TYR D 252 11.16 -16.67 -31.79
CA TYR D 252 11.55 -17.38 -30.58
C TYR D 252 12.43 -18.56 -30.92
N LYS D 253 12.48 -18.89 -32.22
CA LYS D 253 13.36 -19.98 -32.73
C LYS D 253 14.75 -19.43 -32.49
N HIS D 254 15.63 -20.22 -31.90
CA HIS D 254 16.99 -19.76 -31.60
C HIS D 254 17.81 -19.47 -32.85
N ASP D 255 17.43 -20.08 -33.97
CA ASP D 255 18.15 -19.92 -35.24
C ASP D 255 17.55 -18.88 -36.19
N TYR D 256 16.46 -18.26 -35.77
CA TYR D 256 15.83 -17.24 -36.59
C TYR D 256 16.88 -16.20 -37.00
N VAL D 257 16.95 -15.90 -38.30
CA VAL D 257 17.91 -14.93 -38.79
C VAL D 257 17.30 -13.78 -39.58
N SER D 258 17.69 -12.55 -39.23
CA SER D 258 17.21 -11.32 -39.87
C SER D 258 16.30 -11.66 -41.03
N HIS D 259 16.83 -11.62 -42.25
CA HIS D 259 16.06 -11.98 -43.43
C HIS D 259 14.77 -11.14 -43.65
#